data_1O1V
#
_entry.id   1O1V
#
loop_
_entity.id
_entity.type
_entity.pdbx_description
1 polymer Gastrotropin
2 non-polymer 'TAUROCHOLIC ACID'
#
_entity_poly.entity_id   1
_entity_poly.type   'polypeptide(L)'
_entity_poly.pdbx_seq_one_letter_code
;AFTGKFEMESEKNYDEFMKLLGISSDVIEKARNFKIVTEVQQDGQDFTWSQHYSGGHTMTNKFTVGKESNIQTMGGKTFK
ATVQMEGGKLVVNFPNYHQTSEIVGDKLVEVSTIGGVTYERVSKRLA
;
_entity_poly.pdbx_strand_id   A
#
# COMPACT_ATOMS: atom_id res chain seq x y z
N ALA A 1 -11.51 1.03 -11.89
CA ALA A 1 -11.66 0.38 -10.61
C ALA A 1 -10.35 -0.25 -10.19
N PHE A 2 -10.20 -0.63 -8.89
CA PHE A 2 -8.96 -1.22 -8.43
C PHE A 2 -9.24 -2.70 -8.34
N THR A 3 -9.00 -3.46 -9.43
CA THR A 3 -9.36 -4.88 -9.43
C THR A 3 -8.32 -5.67 -10.20
N GLY A 4 -8.12 -6.97 -9.89
CA GLY A 4 -7.20 -7.79 -10.68
C GLY A 4 -5.85 -7.84 -10.00
N LYS A 5 -4.87 -8.53 -10.60
CA LYS A 5 -3.55 -8.63 -9.99
C LYS A 5 -2.77 -7.37 -10.31
N PHE A 6 -1.67 -7.12 -9.57
CA PHE A 6 -0.80 -5.99 -9.86
C PHE A 6 0.63 -6.38 -9.48
N GLU A 7 1.67 -5.77 -10.09
CA GLU A 7 3.05 -6.22 -9.86
C GLU A 7 3.89 -5.06 -9.38
N MET A 8 3.90 -4.78 -8.05
CA MET A 8 4.70 -3.66 -7.54
C MET A 8 6.15 -3.89 -7.88
N GLU A 9 6.91 -2.86 -8.35
CA GLU A 9 8.23 -3.12 -8.89
C GLU A 9 9.15 -1.91 -8.92
N SER A 10 8.73 -0.72 -9.43
CA SER A 10 9.62 0.46 -9.42
C SER A 10 9.09 1.45 -8.40
N GLU A 11 9.96 2.02 -7.54
CA GLU A 11 9.49 2.87 -6.44
C GLU A 11 10.46 4.01 -6.23
N LYS A 12 10.10 5.03 -5.41
CA LYS A 12 11.00 6.14 -5.13
C LYS A 12 11.03 6.43 -3.64
N ASN A 13 12.11 7.04 -3.09
CA ASN A 13 12.18 7.28 -1.65
C ASN A 13 11.68 6.11 -0.84
N TYR A 14 11.92 4.85 -1.29
CA TYR A 14 11.33 3.71 -0.60
C TYR A 14 11.94 3.58 0.77
N ASP A 15 13.28 3.49 0.87
CA ASP A 15 13.89 3.24 2.17
C ASP A 15 13.61 4.36 3.14
N GLU A 16 13.73 5.64 2.72
CA GLU A 16 13.48 6.72 3.67
C GLU A 16 12.04 6.63 4.12
N PHE A 17 11.08 6.50 3.18
CA PHE A 17 9.67 6.43 3.55
C PHE A 17 9.43 5.33 4.56
N MET A 18 9.94 4.10 4.31
CA MET A 18 9.67 3.00 5.24
C MET A 18 10.36 3.27 6.56
N LYS A 19 11.60 3.80 6.55
CA LYS A 19 12.27 4.10 7.82
C LYS A 19 11.42 5.06 8.62
N LEU A 20 10.85 6.11 7.98
CA LEU A 20 10.00 7.05 8.71
C LEU A 20 8.75 6.34 9.17
N LEU A 21 8.11 5.50 8.33
CA LEU A 21 6.95 4.74 8.78
C LEU A 21 7.31 4.01 10.06
N GLY A 22 8.56 3.52 10.18
CA GLY A 22 9.02 2.91 11.43
C GLY A 22 9.14 1.43 11.17
N ILE A 23 10.17 1.02 10.41
CA ILE A 23 10.28 -0.36 9.92
C ILE A 23 11.71 -0.83 10.10
N SER A 24 11.95 -2.14 10.30
CA SER A 24 13.31 -2.60 10.60
C SER A 24 14.12 -2.70 9.33
N SER A 25 15.43 -2.33 9.36
CA SER A 25 16.22 -2.30 8.14
C SER A 25 16.20 -3.62 7.41
N ASP A 26 16.33 -4.76 8.12
CA ASP A 26 16.38 -6.05 7.42
C ASP A 26 15.18 -6.19 6.51
N VAL A 27 13.95 -5.87 6.98
CA VAL A 27 12.78 -6.04 6.13
C VAL A 27 12.69 -4.91 5.12
N ILE A 28 13.22 -3.69 5.39
CA ILE A 28 13.22 -2.66 4.35
C ILE A 28 14.00 -3.23 3.19
N GLU A 29 15.24 -3.70 3.46
CA GLU A 29 16.13 -4.12 2.38
C GLU A 29 15.56 -5.32 1.66
N LYS A 30 15.15 -6.37 2.41
CA LYS A 30 14.63 -7.57 1.77
C LYS A 30 13.34 -7.26 1.06
N ALA A 31 12.49 -6.36 1.60
CA ALA A 31 11.27 -6.01 0.88
C ALA A 31 11.62 -5.41 -0.46
N ARG A 32 12.60 -4.47 -0.54
CA ARG A 32 12.95 -3.92 -1.84
C ARG A 32 13.44 -5.03 -2.73
N ASN A 33 14.36 -5.89 -2.23
CA ASN A 33 14.89 -6.97 -3.07
C ASN A 33 13.75 -7.77 -3.65
N PHE A 34 12.74 -8.12 -2.82
CA PHE A 34 11.62 -8.90 -3.31
C PHE A 34 10.69 -8.00 -4.08
N LYS A 35 10.52 -8.15 -5.41
CA LYS A 35 9.54 -7.30 -6.10
C LYS A 35 8.21 -7.60 -5.45
N ILE A 36 7.45 -6.58 -4.99
CA ILE A 36 6.23 -6.86 -4.25
C ILE A 36 5.15 -7.18 -5.25
N VAL A 37 4.18 -8.07 -4.90
CA VAL A 37 3.07 -8.36 -5.80
C VAL A 37 1.82 -7.97 -5.03
N THR A 38 0.73 -7.60 -5.73
CA THR A 38 -0.46 -7.09 -5.04
C THR A 38 -1.67 -7.55 -5.79
N GLU A 39 -2.85 -7.66 -5.12
CA GLU A 39 -4.06 -8.04 -5.84
C GLU A 39 -5.23 -7.39 -5.15
N VAL A 40 -6.30 -6.98 -5.89
CA VAL A 40 -7.40 -6.25 -5.26
C VAL A 40 -8.71 -6.77 -5.79
N GLN A 41 -9.79 -6.69 -4.97
CA GLN A 41 -11.11 -7.09 -5.45
C GLN A 41 -12.06 -6.00 -5.04
N GLN A 42 -12.09 -4.86 -5.77
CA GLN A 42 -13.05 -3.81 -5.44
C GLN A 42 -14.44 -4.40 -5.52
N ASP A 43 -15.40 -3.94 -4.67
CA ASP A 43 -16.70 -4.60 -4.59
C ASP A 43 -17.76 -3.59 -4.21
N GLY A 44 -18.04 -2.60 -5.10
CA GLY A 44 -19.13 -1.67 -4.85
C GLY A 44 -18.94 -0.95 -3.54
N GLN A 45 -17.82 -0.19 -3.39
CA GLN A 45 -17.51 0.55 -2.16
C GLN A 45 -16.74 -0.31 -1.19
N ASP A 46 -17.06 -1.63 -1.06
CA ASP A 46 -16.25 -2.49 -0.21
C ASP A 46 -15.02 -2.89 -0.98
N PHE A 47 -13.91 -3.27 -0.29
CA PHE A 47 -12.70 -3.71 -0.99
C PHE A 47 -12.08 -4.84 -0.23
N THR A 48 -11.34 -5.75 -0.92
CA THR A 48 -10.51 -6.74 -0.23
C THR A 48 -9.15 -6.61 -0.85
N TRP A 49 -8.32 -5.67 -0.35
CA TRP A 49 -7.01 -5.43 -0.94
C TRP A 49 -6.06 -6.47 -0.39
N SER A 50 -5.05 -6.95 -1.16
CA SER A 50 -4.15 -7.99 -0.65
C SER A 50 -2.73 -7.65 -1.00
N GLN A 51 -1.75 -8.24 -0.28
CA GLN A 51 -0.34 -7.90 -0.50
C GLN A 51 0.47 -9.17 -0.50
N HIS A 52 1.73 -9.11 -1.02
CA HIS A 52 2.60 -10.29 -1.03
C HIS A 52 4.02 -9.75 -0.96
N TYR A 53 4.79 -9.94 0.14
CA TYR A 53 6.04 -9.18 0.26
C TYR A 53 7.07 -9.82 1.16
N SER A 54 8.35 -9.40 1.07
CA SER A 54 9.41 -9.96 1.90
C SER A 54 9.32 -11.47 1.87
N GLY A 55 9.65 -12.10 0.72
CA GLY A 55 9.40 -13.53 0.58
C GLY A 55 7.94 -13.79 0.24
N GLY A 56 7.22 -12.82 -0.38
CA GLY A 56 5.85 -13.06 -0.78
C GLY A 56 4.96 -13.45 0.37
N HIS A 57 5.25 -13.05 1.63
CA HIS A 57 4.36 -13.41 2.73
C HIS A 57 3.01 -12.77 2.45
N THR A 58 1.93 -13.56 2.25
CA THR A 58 0.65 -12.96 1.91
C THR A 58 0.07 -12.26 3.10
N MET A 59 -0.68 -11.15 2.88
CA MET A 59 -1.45 -10.53 3.95
C MET A 59 -2.74 -10.03 3.34
N THR A 60 -3.86 -10.00 4.10
CA THR A 60 -5.12 -9.51 3.56
C THR A 60 -5.43 -8.19 4.21
N ASN A 61 -6.10 -7.27 3.48
CA ASN A 61 -6.54 -6.01 4.06
C ASN A 61 -7.91 -5.72 3.49
N LYS A 62 -8.71 -4.82 4.12
CA LYS A 62 -10.06 -4.59 3.60
C LYS A 62 -10.65 -3.35 4.22
N PHE A 63 -11.65 -2.73 3.55
CA PHE A 63 -12.23 -1.49 4.07
C PHE A 63 -13.41 -1.10 3.22
N THR A 64 -14.25 -0.15 3.69
CA THR A 64 -15.29 0.42 2.84
C THR A 64 -14.98 1.89 2.72
N VAL A 65 -15.01 2.50 1.50
CA VAL A 65 -14.55 3.88 1.37
C VAL A 65 -15.53 4.80 2.05
N GLY A 66 -15.06 5.89 2.69
CA GLY A 66 -15.96 6.77 3.43
C GLY A 66 -16.10 6.34 4.88
N LYS A 67 -15.88 5.05 5.23
CA LYS A 67 -16.09 4.59 6.61
C LYS A 67 -14.74 4.39 7.25
N GLU A 68 -14.64 4.47 8.60
CA GLU A 68 -13.38 4.12 9.24
C GLU A 68 -13.23 2.62 9.13
N SER A 69 -11.99 2.09 9.04
CA SER A 69 -11.80 0.65 8.96
C SER A 69 -10.54 0.26 9.70
N ASN A 70 -10.44 -0.99 10.21
CA ASN A 70 -9.21 -1.38 10.89
C ASN A 70 -8.22 -1.77 9.82
N ILE A 71 -6.97 -1.27 9.89
CA ILE A 71 -5.99 -1.55 8.84
C ILE A 71 -4.80 -2.22 9.53
N GLN A 72 -4.61 -3.55 9.37
CA GLN A 72 -3.41 -4.15 9.94
C GLN A 72 -2.21 -3.56 9.25
N THR A 73 -1.04 -3.55 9.91
CA THR A 73 0.15 -2.92 9.34
C THR A 73 1.27 -3.92 9.51
N MET A 74 1.17 -5.03 8.74
CA MET A 74 2.13 -6.13 8.84
C MET A 74 1.96 -6.85 10.16
N GLY A 75 2.44 -8.11 10.28
CA GLY A 75 2.25 -8.84 11.53
C GLY A 75 3.07 -8.19 12.62
N GLY A 76 2.52 -7.17 13.31
CA GLY A 76 3.28 -6.52 14.38
C GLY A 76 2.67 -5.17 14.69
N LYS A 77 2.59 -4.28 13.68
CA LYS A 77 1.99 -2.95 13.90
C LYS A 77 0.55 -2.99 13.45
N THR A 78 -0.26 -2.00 13.90
CA THR A 78 -1.68 -1.97 13.51
C THR A 78 -2.24 -0.59 13.79
N PHE A 79 -3.20 -0.09 12.97
CA PHE A 79 -3.87 1.16 13.31
C PHE A 79 -5.23 1.21 12.67
N LYS A 80 -6.10 2.16 13.06
CA LYS A 80 -7.39 2.34 12.40
C LYS A 80 -7.30 3.59 11.54
N ALA A 81 -8.04 3.65 10.41
CA ALA A 81 -7.88 4.80 9.50
C ALA A 81 -9.02 4.85 8.52
N THR A 82 -9.18 5.97 7.78
CA THR A 82 -10.33 6.11 6.88
C THR A 82 -9.85 6.03 5.45
N VAL A 83 -10.41 5.12 4.61
CA VAL A 83 -10.05 5.06 3.21
C VAL A 83 -11.12 5.84 2.49
N GLN A 84 -10.80 6.52 1.35
CA GLN A 84 -11.73 7.45 0.73
C GLN A 84 -11.64 7.32 -0.77
N MET A 85 -12.62 7.87 -1.53
CA MET A 85 -12.58 7.77 -2.99
C MET A 85 -12.89 9.13 -3.57
N GLU A 86 -11.88 9.85 -4.12
CA GLU A 86 -12.15 11.12 -4.80
C GLU A 86 -12.12 10.82 -6.28
N GLY A 87 -13.23 10.24 -6.80
CA GLY A 87 -13.28 9.94 -8.24
C GLY A 87 -12.30 8.85 -8.55
N GLY A 88 -11.43 8.99 -9.57
CA GLY A 88 -10.51 7.92 -9.90
C GLY A 88 -9.56 7.59 -8.76
N LYS A 89 -9.18 8.58 -7.91
CA LYS A 89 -8.20 8.28 -6.88
C LYS A 89 -8.85 7.55 -5.73
N LEU A 90 -8.08 6.68 -5.04
CA LEU A 90 -8.55 5.99 -3.84
C LEU A 90 -7.81 6.68 -2.72
N VAL A 91 -8.33 7.85 -2.27
CA VAL A 91 -7.63 8.68 -1.30
C VAL A 91 -7.59 7.99 0.05
N VAL A 92 -6.66 8.35 0.95
CA VAL A 92 -6.65 7.75 2.29
C VAL A 92 -5.89 8.64 3.25
N ASN A 93 -6.16 8.58 4.58
CA ASN A 93 -5.43 9.40 5.54
C ASN A 93 -5.11 8.59 6.77
N PHE A 94 -4.07 9.00 7.55
CA PHE A 94 -3.69 8.29 8.77
C PHE A 94 -3.20 9.29 9.79
N PRO A 95 -3.06 9.02 11.12
CA PRO A 95 -2.42 9.99 11.99
C PRO A 95 -1.05 10.39 11.49
N ASN A 96 -0.77 11.70 11.30
CA ASN A 96 0.57 12.14 10.90
C ASN A 96 1.13 11.35 9.72
N TYR A 97 0.28 11.05 8.71
CA TYR A 97 0.76 10.28 7.55
C TYR A 97 -0.35 10.27 6.52
N HIS A 98 -0.08 10.39 5.19
CA HIS A 98 -1.16 10.42 4.20
C HIS A 98 -0.75 9.74 2.91
N GLN A 99 -1.71 9.29 2.07
CA GLN A 99 -1.36 8.72 0.77
C GLN A 99 -2.53 8.85 -0.17
N THR A 100 -2.30 8.72 -1.50
CA THR A 100 -3.42 8.55 -2.43
C THR A 100 -3.03 7.48 -3.42
N SER A 101 -3.97 6.60 -3.85
CA SER A 101 -3.64 5.57 -4.85
C SER A 101 -4.43 5.89 -6.10
N GLU A 102 -4.03 5.38 -7.30
CA GLU A 102 -4.71 5.79 -8.52
C GLU A 102 -4.44 4.81 -9.64
N ILE A 103 -5.38 4.59 -10.59
CA ILE A 103 -5.09 3.76 -11.76
C ILE A 103 -4.79 4.72 -12.90
N VAL A 104 -3.66 4.56 -13.63
CA VAL A 104 -3.35 5.45 -14.75
C VAL A 104 -2.93 4.61 -15.94
N GLY A 105 -3.44 4.86 -17.17
CA GLY A 105 -3.04 4.03 -18.30
C GLY A 105 -3.21 2.55 -18.03
N ASP A 106 -4.24 2.15 -17.26
CA ASP A 106 -4.40 0.74 -16.90
C ASP A 106 -3.17 0.21 -16.21
N LYS A 107 -2.59 1.01 -15.27
CA LYS A 107 -1.47 0.56 -14.45
C LYS A 107 -1.78 1.01 -13.04
N LEU A 108 -1.39 0.26 -11.98
CA LEU A 108 -1.67 0.73 -10.63
C LEU A 108 -0.49 1.59 -10.25
N VAL A 109 -0.69 2.89 -9.95
CA VAL A 109 0.40 3.75 -9.52
C VAL A 109 -0.08 4.51 -8.30
N GLU A 110 0.83 5.01 -7.43
CA GLU A 110 0.37 5.67 -6.21
C GLU A 110 1.28 6.82 -5.86
N VAL A 111 0.84 7.75 -4.98
CA VAL A 111 1.68 8.88 -4.57
C VAL A 111 1.60 8.90 -3.06
N SER A 112 2.43 8.08 -2.38
CA SER A 112 2.38 8.04 -0.92
C SER A 112 3.28 9.12 -0.37
N THR A 113 3.10 9.54 0.90
CA THR A 113 3.91 10.64 1.44
C THR A 113 3.93 10.57 2.95
N ILE A 114 5.04 10.96 3.63
CA ILE A 114 5.08 10.89 5.09
C ILE A 114 6.11 11.83 5.64
N GLY A 115 5.94 12.36 6.88
CA GLY A 115 6.97 13.22 7.46
C GLY A 115 7.28 14.37 6.52
N GLY A 116 8.33 14.23 5.67
CA GLY A 116 8.62 15.28 4.70
C GLY A 116 9.24 14.69 3.45
N VAL A 117 8.61 13.64 2.86
CA VAL A 117 9.15 13.05 1.64
C VAL A 117 8.06 12.31 0.89
N THR A 118 8.07 12.32 -0.46
CA THR A 118 7.05 11.58 -1.21
C THR A 118 7.39 10.11 -1.23
N TYR A 119 6.59 9.30 -1.94
CA TYR A 119 6.92 7.88 -2.13
C TYR A 119 6.08 7.37 -3.27
N GLU A 120 6.44 7.77 -4.51
CA GLU A 120 5.70 7.29 -5.67
C GLU A 120 5.86 5.79 -5.75
N ARG A 121 4.80 5.06 -6.19
CA ARG A 121 4.92 3.63 -6.42
C ARG A 121 4.48 3.35 -7.83
N VAL A 122 4.93 2.23 -8.43
CA VAL A 122 4.44 1.83 -9.74
C VAL A 122 4.17 0.35 -9.68
N SER A 123 3.07 -0.13 -10.31
CA SER A 123 2.76 -1.55 -10.22
C SER A 123 2.01 -1.96 -11.46
N LYS A 124 2.59 -2.80 -12.35
CA LYS A 124 1.95 -3.04 -13.64
C LYS A 124 0.72 -3.88 -13.41
N ARG A 125 -0.29 -3.84 -14.31
CA ARG A 125 -1.53 -4.57 -14.10
C ARG A 125 -1.44 -5.87 -14.85
N LEU A 126 -2.07 -6.96 -14.34
CA LEU A 126 -1.94 -8.27 -14.97
C LEU A 126 -2.96 -9.21 -14.38
N ALA A 127 -3.03 -10.49 -14.81
CA ALA A 127 -4.03 -11.40 -14.25
C ALA A 127 -3.56 -12.83 -14.33
N ALA A 1 -7.30 -1.55 -13.88
CA ALA A 1 -8.22 -1.23 -12.80
C ALA A 1 -7.66 -1.69 -11.48
N PHE A 2 -8.28 -1.33 -10.33
CA PHE A 2 -7.83 -1.85 -9.04
C PHE A 2 -8.29 -3.28 -8.89
N THR A 3 -7.73 -4.22 -9.68
CA THR A 3 -8.18 -5.62 -9.62
C THR A 3 -7.08 -6.53 -10.12
N GLY A 4 -7.01 -7.81 -9.66
CA GLY A 4 -6.05 -8.75 -10.23
C GLY A 4 -4.73 -8.70 -9.48
N LYS A 5 -3.71 -9.45 -9.96
CA LYS A 5 -2.43 -9.47 -9.28
C LYS A 5 -1.51 -8.39 -9.82
N PHE A 6 -0.50 -7.98 -9.03
CA PHE A 6 0.48 -7.00 -9.49
C PHE A 6 1.81 -7.34 -8.86
N GLU A 7 2.95 -6.82 -9.36
CA GLU A 7 4.26 -7.15 -8.78
C GLU A 7 4.91 -5.88 -8.32
N MET A 8 4.75 -5.49 -7.04
CA MET A 8 5.41 -4.28 -6.54
C MET A 8 6.89 -4.59 -6.45
N GLU A 9 7.78 -3.69 -6.93
CA GLU A 9 9.18 -4.08 -7.11
C GLU A 9 10.14 -2.90 -7.21
N SER A 10 9.89 -1.86 -8.03
CA SER A 10 10.76 -0.69 -8.07
C SER A 10 10.12 0.38 -7.20
N GLU A 11 10.85 0.95 -6.21
CA GLU A 11 10.26 1.98 -5.35
C GLU A 11 11.30 3.06 -5.09
N LYS A 12 10.88 4.25 -4.60
CA LYS A 12 11.83 5.30 -4.23
C LYS A 12 11.71 5.51 -2.74
N ASN A 13 12.63 6.25 -2.08
CA ASN A 13 12.49 6.54 -0.65
C ASN A 13 11.89 5.40 0.15
N TYR A 14 12.28 4.14 -0.14
CA TYR A 14 11.64 3.01 0.54
C TYR A 14 12.11 2.96 1.97
N ASP A 15 13.44 2.82 2.19
CA ASP A 15 13.94 2.73 3.56
C ASP A 15 13.58 3.98 4.32
N GLU A 16 13.69 5.18 3.70
CA GLU A 16 13.37 6.41 4.42
C GLU A 16 11.92 6.34 4.85
N PHE A 17 10.98 6.09 3.90
CA PHE A 17 9.56 6.09 4.26
C PHE A 17 9.27 5.09 5.35
N MET A 18 9.77 3.84 5.22
CA MET A 18 9.44 2.81 6.21
C MET A 18 10.05 3.16 7.54
N LYS A 19 11.31 3.65 7.57
CA LYS A 19 11.92 4.04 8.83
C LYS A 19 11.04 5.07 9.51
N LEU A 20 10.52 6.07 8.76
CA LEU A 20 9.65 7.07 9.37
C LEU A 20 8.34 6.43 9.79
N LEU A 21 7.76 5.54 8.95
CA LEU A 21 6.52 4.86 9.34
C LEU A 21 6.73 4.23 10.69
N GLY A 22 7.93 3.65 10.95
CA GLY A 22 8.26 3.09 12.26
C GLY A 22 8.48 1.61 12.10
N ILE A 23 9.58 1.23 11.40
CA ILE A 23 9.78 -0.17 11.02
C ILE A 23 11.24 -0.51 11.26
N SER A 24 11.60 -1.78 11.57
CA SER A 24 13.00 -2.10 11.88
C SER A 24 13.83 -2.17 10.62
N SER A 25 15.17 -1.97 10.74
CA SER A 25 16.02 -2.08 9.57
C SER A 25 15.99 -3.49 9.03
N ASP A 26 16.06 -4.52 9.91
CA ASP A 26 16.13 -5.90 9.44
C ASP A 26 15.04 -6.18 8.43
N VAL A 27 13.75 -5.88 8.75
CA VAL A 27 12.68 -6.19 7.80
C VAL A 27 12.74 -5.26 6.61
N ILE A 28 13.20 -3.99 6.76
CA ILE A 28 13.33 -3.13 5.59
C ILE A 28 14.20 -3.84 4.57
N GLU A 29 15.36 -4.40 4.98
CA GLU A 29 16.21 -5.11 4.02
C GLU A 29 15.42 -6.24 3.39
N LYS A 30 14.74 -7.08 4.21
CA LYS A 30 14.03 -8.23 3.64
C LYS A 30 13.03 -7.76 2.62
N ALA A 31 12.24 -6.71 2.96
CA ALA A 31 11.17 -6.27 2.08
C ALA A 31 11.73 -5.71 0.80
N ARG A 32 12.78 -4.85 0.85
CA ARG A 32 13.33 -4.31 -0.39
C ARG A 32 13.87 -5.45 -1.22
N ASN A 33 14.69 -6.34 -0.62
CA ASN A 33 15.26 -7.46 -1.36
C ASN A 33 14.16 -8.24 -2.03
N PHE A 34 13.05 -8.50 -1.31
CA PHE A 34 11.96 -9.30 -1.88
C PHE A 34 11.13 -8.42 -2.80
N LYS A 35 10.51 -8.98 -3.88
CA LYS A 35 9.61 -8.19 -4.70
C LYS A 35 8.25 -8.29 -4.04
N ILE A 36 7.70 -7.19 -3.49
CA ILE A 36 6.42 -7.31 -2.80
C ILE A 36 5.39 -7.65 -3.85
N VAL A 37 4.67 -8.79 -3.77
CA VAL A 37 3.61 -9.06 -4.74
C VAL A 37 2.37 -8.43 -4.13
N THR A 38 1.45 -7.87 -4.94
CA THR A 38 0.24 -7.25 -4.40
C THR A 38 -0.93 -7.85 -5.14
N GLU A 39 -2.14 -7.92 -4.51
CA GLU A 39 -3.30 -8.45 -5.22
C GLU A 39 -4.53 -7.71 -4.75
N VAL A 40 -5.54 -7.48 -5.63
CA VAL A 40 -6.66 -6.62 -5.26
C VAL A 40 -7.97 -7.14 -5.81
N GLN A 41 -9.10 -6.90 -5.10
CA GLN A 41 -10.41 -7.30 -5.62
C GLN A 41 -11.37 -6.16 -5.37
N GLN A 42 -11.27 -5.08 -6.18
CA GLN A 42 -12.22 -3.96 -6.03
C GLN A 42 -13.62 -4.49 -6.26
N ASP A 43 -14.65 -3.85 -5.64
CA ASP A 43 -16.00 -4.42 -5.68
C ASP A 43 -17.03 -3.35 -5.42
N GLY A 44 -17.22 -2.40 -6.37
CA GLY A 44 -18.28 -1.41 -6.20
C GLY A 44 -18.06 -0.61 -4.93
N GLN A 45 -17.07 0.31 -4.94
CA GLN A 45 -16.80 1.12 -3.75
C GLN A 45 -16.51 0.26 -2.54
N ASP A 46 -15.93 -0.95 -2.75
CA ASP A 46 -15.52 -1.80 -1.63
C ASP A 46 -14.36 -2.64 -2.08
N PHE A 47 -13.48 -3.13 -1.17
CA PHE A 47 -12.25 -3.77 -1.62
C PHE A 47 -11.85 -4.89 -0.70
N THR A 48 -11.17 -5.95 -1.23
CA THR A 48 -10.46 -6.90 -0.38
C THR A 48 -9.05 -6.84 -0.92
N TRP A 49 -8.27 -5.83 -0.45
CA TRP A 49 -6.91 -5.63 -0.95
C TRP A 49 -6.02 -6.65 -0.29
N SER A 50 -4.84 -7.01 -0.84
CA SER A 50 -3.96 -7.94 -0.14
C SER A 50 -2.51 -7.67 -0.47
N GLN A 51 -1.58 -8.18 0.39
CA GLN A 51 -0.15 -7.94 0.18
C GLN A 51 0.59 -9.25 0.35
N HIS A 52 1.87 -9.29 -0.06
CA HIS A 52 2.68 -10.50 0.11
C HIS A 52 4.12 -10.04 0.24
N TYR A 53 4.87 -10.31 1.33
CA TYR A 53 6.18 -9.67 1.48
C TYR A 53 7.17 -10.38 2.37
N SER A 54 8.48 -10.03 2.24
CA SER A 54 9.52 -10.64 3.08
C SER A 54 9.31 -12.13 3.15
N GLY A 55 9.50 -12.85 2.02
CA GLY A 55 9.10 -14.26 1.98
C GLY A 55 7.64 -14.40 1.61
N GLY A 56 7.03 -13.40 0.91
CA GLY A 56 5.65 -13.55 0.48
C GLY A 56 4.68 -13.83 1.61
N HIS A 57 4.97 -13.38 2.86
CA HIS A 57 4.00 -13.61 3.94
C HIS A 57 2.71 -12.91 3.57
N THR A 58 1.61 -13.64 3.28
CA THR A 58 0.39 -12.96 2.86
C THR A 58 -0.20 -12.17 4.00
N MET A 59 -0.82 -11.01 3.69
CA MET A 59 -1.62 -10.30 4.69
C MET A 59 -2.82 -9.75 3.97
N THR A 60 -4.06 -9.88 4.52
CA THR A 60 -5.24 -9.42 3.81
C THR A 60 -5.65 -8.08 4.40
N ASN A 61 -6.26 -7.20 3.60
CA ASN A 61 -6.76 -5.93 4.11
C ASN A 61 -8.07 -5.64 3.41
N LYS A 62 -8.94 -4.77 3.96
CA LYS A 62 -10.25 -4.58 3.35
C LYS A 62 -10.92 -3.35 3.91
N PHE A 63 -11.85 -2.73 3.14
CA PHE A 63 -12.45 -1.47 3.60
C PHE A 63 -13.57 -1.06 2.67
N THR A 64 -14.55 -0.26 3.17
CA THR A 64 -15.54 0.34 2.28
C THR A 64 -15.08 1.76 2.09
N VAL A 65 -14.88 2.26 0.85
CA VAL A 65 -14.32 3.60 0.70
C VAL A 65 -15.33 4.61 1.18
N GLY A 66 -14.87 5.76 1.73
CA GLY A 66 -15.79 6.74 2.30
C GLY A 66 -15.95 6.53 3.79
N LYS A 67 -15.81 5.28 4.30
CA LYS A 67 -16.04 5.02 5.73
C LYS A 67 -14.70 4.88 6.41
N GLU A 68 -14.64 5.01 7.75
CA GLU A 68 -13.39 4.70 8.45
C GLU A 68 -13.26 3.19 8.46
N SER A 69 -12.01 2.64 8.46
CA SER A 69 -11.85 1.19 8.49
C SER A 69 -10.64 0.83 9.33
N ASN A 70 -10.62 -0.35 9.99
CA ASN A 70 -9.41 -0.74 10.72
C ASN A 70 -8.43 -1.23 9.68
N ILE A 71 -7.15 -0.80 9.75
CA ILE A 71 -6.15 -1.28 8.80
C ILE A 71 -5.02 -1.86 9.63
N GLN A 72 -4.84 -3.20 9.67
CA GLN A 72 -3.69 -3.73 10.38
C GLN A 72 -2.44 -3.21 9.73
N THR A 73 -1.33 -3.08 10.48
CA THR A 73 -0.10 -2.52 9.92
C THR A 73 0.97 -3.54 10.24
N MET A 74 0.80 -4.75 9.66
CA MET A 74 1.68 -5.89 9.94
C MET A 74 1.47 -6.36 11.36
N GLY A 75 1.77 -7.64 11.67
CA GLY A 75 1.53 -8.14 13.02
C GLY A 75 2.41 -7.35 13.97
N GLY A 76 1.84 -6.63 14.97
CA GLY A 76 2.65 -5.84 15.89
C GLY A 76 2.14 -4.43 15.99
N LYS A 77 1.61 -3.84 14.88
CA LYS A 77 1.16 -2.44 14.91
C LYS A 77 -0.13 -2.31 14.15
N THR A 78 -0.94 -1.26 14.44
CA THR A 78 -2.25 -1.11 13.80
C THR A 78 -2.69 0.34 13.82
N PHE A 79 -3.48 0.79 12.81
CA PHE A 79 -4.12 2.10 12.91
C PHE A 79 -5.42 2.08 12.15
N LYS A 80 -6.26 3.12 12.31
CA LYS A 80 -7.48 3.22 11.52
C LYS A 80 -7.17 4.12 10.34
N ALA A 81 -8.01 4.11 9.28
CA ALA A 81 -7.77 4.96 8.13
C ALA A 81 -9.07 5.35 7.48
N THR A 82 -9.11 6.45 6.70
CA THR A 82 -10.30 6.77 5.91
C THR A 82 -9.92 6.49 4.49
N VAL A 83 -10.19 5.28 3.97
CA VAL A 83 -9.85 4.99 2.57
C VAL A 83 -10.91 5.72 1.77
N GLN A 84 -10.55 6.34 0.63
CA GLN A 84 -11.48 7.21 -0.09
C GLN A 84 -11.21 7.06 -1.57
N MET A 85 -12.20 7.30 -2.47
CA MET A 85 -11.94 7.14 -3.90
C MET A 85 -12.36 8.41 -4.61
N GLU A 86 -11.44 9.39 -4.80
CA GLU A 86 -11.77 10.59 -5.55
C GLU A 86 -11.59 10.28 -7.02
N GLY A 87 -12.44 9.39 -7.58
CA GLY A 87 -12.37 9.10 -9.02
C GLY A 87 -10.98 8.75 -9.49
N GLY A 88 -10.19 9.76 -9.92
CA GLY A 88 -8.87 9.48 -10.49
C GLY A 88 -7.99 8.63 -9.60
N LYS A 89 -8.12 8.70 -8.26
CA LYS A 89 -7.22 7.97 -7.39
C LYS A 89 -7.95 7.29 -6.25
N LEU A 90 -7.27 6.33 -5.58
CA LEU A 90 -7.84 5.68 -4.39
C LEU A 90 -7.22 6.40 -3.23
N VAL A 91 -7.78 7.58 -2.87
CA VAL A 91 -7.19 8.45 -1.86
C VAL A 91 -7.22 7.77 -0.51
N VAL A 92 -6.35 8.15 0.46
CA VAL A 92 -6.43 7.57 1.80
C VAL A 92 -5.75 8.46 2.80
N ASN A 93 -6.13 8.41 4.11
CA ASN A 93 -5.46 9.23 5.12
C ASN A 93 -5.19 8.41 6.36
N PHE A 94 -4.29 8.88 7.25
CA PHE A 94 -4.00 8.17 8.50
C PHE A 94 -3.53 9.18 9.54
N PRO A 95 -3.46 8.93 10.87
CA PRO A 95 -2.85 9.92 11.76
C PRO A 95 -1.46 10.30 11.31
N ASN A 96 -1.18 11.60 11.05
CA ASN A 96 0.18 12.03 10.71
C ASN A 96 0.79 11.20 9.60
N TYR A 97 0.01 10.88 8.54
CA TYR A 97 0.54 10.05 7.45
C TYR A 97 -0.50 10.04 6.35
N HIS A 98 -0.14 10.14 5.04
CA HIS A 98 -1.16 10.17 3.98
C HIS A 98 -0.68 9.45 2.74
N GLN A 99 -1.58 9.04 1.82
CA GLN A 99 -1.15 8.42 0.58
C GLN A 99 -2.24 8.49 -0.46
N THR A 100 -1.91 8.30 -1.77
CA THR A 100 -2.95 8.15 -2.77
C THR A 100 -2.53 7.05 -3.74
N SER A 101 -3.24 5.91 -3.83
CA SER A 101 -2.85 4.88 -4.80
C SER A 101 -3.48 5.24 -6.13
N GLU A 102 -2.97 4.70 -7.27
CA GLU A 102 -3.44 5.18 -8.58
C GLU A 102 -3.22 4.13 -9.65
N ILE A 103 -4.08 4.08 -10.70
CA ILE A 103 -3.86 3.16 -11.83
C ILE A 103 -3.37 3.97 -13.00
N VAL A 104 -2.37 3.48 -13.77
CA VAL A 104 -1.83 4.25 -14.90
C VAL A 104 -1.69 3.32 -16.08
N GLY A 105 -2.65 3.32 -17.04
CA GLY A 105 -2.50 2.46 -18.22
C GLY A 105 -2.48 1.01 -17.82
N ASP A 106 -3.46 0.58 -16.98
CA ASP A 106 -3.52 -0.82 -16.55
C ASP A 106 -2.29 -1.25 -15.78
N LYS A 107 -1.59 -0.30 -15.09
CA LYS A 107 -0.49 -0.66 -14.18
C LYS A 107 -0.90 -0.16 -12.81
N LEU A 108 -0.09 -0.35 -11.75
CA LEU A 108 -0.46 0.13 -10.43
C LEU A 108 0.72 0.91 -9.89
N VAL A 109 0.61 2.24 -9.74
CA VAL A 109 1.68 3.03 -9.13
C VAL A 109 1.04 3.78 -7.99
N GLU A 110 1.85 4.36 -7.07
CA GLU A 110 1.27 5.07 -5.93
C GLU A 110 2.08 6.30 -5.64
N VAL A 111 1.51 7.30 -4.93
CA VAL A 111 2.23 8.51 -4.57
C VAL A 111 2.04 8.62 -3.08
N SER A 112 2.80 7.81 -2.31
CA SER A 112 2.62 7.81 -0.86
C SER A 112 3.41 8.93 -0.25
N THR A 113 3.19 9.28 1.03
CA THR A 113 3.97 10.36 1.64
C THR A 113 3.87 10.33 3.15
N ILE A 114 4.82 10.96 3.88
CA ILE A 114 4.76 10.96 5.34
C ILE A 114 5.66 12.04 5.90
N GLY A 115 5.33 12.63 7.08
CA GLY A 115 6.22 13.62 7.67
C GLY A 115 6.51 14.73 6.68
N GLY A 116 7.65 14.65 5.94
CA GLY A 116 7.94 15.66 4.93
C GLY A 116 8.70 15.04 3.78
N VAL A 117 8.19 13.92 3.21
CA VAL A 117 8.87 13.28 2.08
C VAL A 117 7.88 12.45 1.30
N THR A 118 7.98 12.38 -0.05
CA THR A 118 7.05 11.54 -0.81
C THR A 118 7.52 10.10 -0.73
N TYR A 119 6.78 9.16 -1.36
CA TYR A 119 7.19 7.76 -1.35
C TYR A 119 6.58 7.05 -2.53
N GLU A 120 7.05 7.39 -3.75
CA GLU A 120 6.48 6.79 -4.95
C GLU A 120 6.67 5.29 -4.91
N ARG A 121 5.71 4.52 -5.48
CA ARG A 121 5.91 3.08 -5.64
C ARG A 121 5.54 2.70 -7.05
N VAL A 122 5.96 1.52 -7.56
CA VAL A 122 5.58 1.10 -8.91
C VAL A 122 5.27 -0.38 -8.87
N SER A 123 4.25 -0.85 -9.62
CA SER A 123 3.90 -2.27 -9.59
C SER A 123 3.23 -2.65 -10.88
N LYS A 124 3.78 -3.59 -11.69
CA LYS A 124 3.17 -3.87 -12.98
C LYS A 124 2.01 -4.80 -12.80
N ARG A 125 0.98 -4.78 -13.68
CA ARG A 125 -0.17 -5.67 -13.52
C ARG A 125 0.12 -6.94 -14.27
N LEU A 126 -0.30 -8.11 -13.74
CA LEU A 126 -0.03 -9.38 -14.43
C LEU A 126 -0.84 -10.50 -13.80
N ALA A 127 -0.84 -11.70 -14.41
CA ALA A 127 -1.52 -12.85 -13.82
C ALA A 127 -2.89 -12.47 -13.31
N ALA A 1 -10.56 -0.75 -12.60
CA ALA A 1 -11.18 -0.13 -11.45
C ALA A 1 -10.65 -0.78 -10.20
N PHE A 2 -9.32 -0.71 -9.98
CA PHE A 2 -8.73 -1.31 -8.78
C PHE A 2 -9.19 -2.74 -8.69
N THR A 3 -8.96 -3.54 -9.75
CA THR A 3 -9.41 -4.93 -9.77
C THR A 3 -8.39 -5.75 -10.52
N GLY A 4 -8.25 -7.06 -10.21
CA GLY A 4 -7.33 -7.90 -10.97
C GLY A 4 -6.04 -8.03 -10.22
N LYS A 5 -4.88 -8.13 -10.93
CA LYS A 5 -3.61 -8.41 -10.26
C LYS A 5 -2.56 -7.43 -10.71
N PHE A 6 -1.55 -7.12 -9.87
CA PHE A 6 -0.57 -6.10 -10.22
C PHE A 6 0.81 -6.49 -9.71
N GLU A 7 1.90 -5.84 -10.18
CA GLU A 7 3.25 -6.22 -9.76
C GLU A 7 3.98 -4.99 -9.29
N MET A 8 3.94 -4.70 -7.96
CA MET A 8 4.64 -3.53 -7.44
C MET A 8 6.14 -3.76 -7.53
N GLU A 9 6.93 -2.81 -8.08
CA GLU A 9 8.32 -3.13 -8.44
C GLU A 9 9.22 -1.93 -8.63
N SER A 10 8.86 -0.90 -9.44
CA SER A 10 9.76 0.24 -9.65
C SER A 10 9.45 1.29 -8.61
N GLU A 11 9.76 0.98 -7.33
CA GLU A 11 9.51 1.92 -6.25
C GLU A 11 10.66 2.90 -6.19
N LYS A 12 10.46 4.07 -5.55
CA LYS A 12 11.51 5.09 -5.46
C LYS A 12 11.72 5.48 -4.01
N ASN A 13 12.90 6.00 -3.60
CA ASN A 13 13.14 6.38 -2.21
C ASN A 13 12.41 5.46 -1.24
N TYR A 14 12.47 4.14 -1.51
CA TYR A 14 11.66 3.21 -0.74
C TYR A 14 12.18 3.09 0.66
N ASP A 15 13.50 2.82 0.83
CA ASP A 15 14.03 2.62 2.18
C ASP A 15 13.84 3.85 3.03
N GLU A 16 14.14 5.06 2.51
CA GLU A 16 14.01 6.25 3.34
C GLU A 16 12.57 6.38 3.77
N PHE A 17 11.62 6.42 2.81
CA PHE A 17 10.23 6.63 3.19
C PHE A 17 9.80 5.60 4.21
N MET A 18 10.10 4.31 3.97
CA MET A 18 9.68 3.27 4.91
C MET A 18 10.30 3.51 6.27
N LYS A 19 11.61 3.85 6.34
CA LYS A 19 12.19 4.13 7.66
C LYS A 19 11.40 5.22 8.34
N LEU A 20 10.99 6.29 7.62
CA LEU A 20 10.19 7.34 8.24
C LEU A 20 8.86 6.76 8.68
N LEU A 21 8.20 5.94 7.83
CA LEU A 21 6.93 5.32 8.21
C LEU A 21 7.09 4.58 9.52
N GLY A 22 8.28 4.02 9.82
CA GLY A 22 8.50 3.36 11.12
C GLY A 22 8.49 1.88 10.84
N ILE A 23 9.58 1.37 10.20
CA ILE A 23 9.57 0.01 9.67
C ILE A 23 10.92 -0.62 9.96
N SER A 24 11.01 -1.96 10.09
CA SER A 24 12.29 -2.58 10.44
C SER A 24 13.23 -2.60 9.26
N SER A 25 14.55 -2.75 9.50
CA SER A 25 15.50 -2.76 8.38
C SER A 25 15.39 -4.06 7.63
N ASP A 26 15.38 -5.23 8.32
CA ASP A 26 15.35 -6.50 7.60
C ASP A 26 14.21 -6.52 6.61
N VAL A 27 12.99 -6.07 7.00
CA VAL A 27 11.87 -6.13 6.06
C VAL A 27 12.12 -5.14 4.94
N ILE A 28 12.74 -3.95 5.20
CA ILE A 28 13.05 -3.05 4.09
C ILE A 28 13.92 -3.78 3.10
N GLU A 29 15.03 -4.41 3.54
CA GLU A 29 15.93 -5.07 2.58
C GLU A 29 15.16 -6.10 1.80
N LYS A 30 14.47 -7.05 2.49
CA LYS A 30 13.79 -8.12 1.77
C LYS A 30 12.73 -7.54 0.86
N ALA A 31 11.94 -6.56 1.36
CA ALA A 31 10.85 -6.01 0.55
C ALA A 31 11.37 -5.38 -0.70
N ARG A 32 12.50 -4.62 -0.66
CA ARG A 32 13.02 -4.04 -1.90
C ARG A 32 13.49 -5.16 -2.80
N ASN A 33 14.31 -6.10 -2.26
CA ASN A 33 14.83 -7.18 -3.09
C ASN A 33 13.69 -7.91 -3.77
N PHE A 34 12.58 -8.16 -3.04
CA PHE A 34 11.46 -8.92 -3.60
C PHE A 34 10.56 -7.97 -4.38
N LYS A 35 10.03 -8.34 -5.57
CA LYS A 35 9.08 -7.47 -6.24
C LYS A 35 7.79 -7.60 -5.47
N ILE A 36 7.25 -6.54 -4.85
CA ILE A 36 6.02 -6.70 -4.07
C ILE A 36 4.94 -7.03 -5.07
N VAL A 37 4.05 -8.02 -4.81
CA VAL A 37 2.96 -8.31 -5.74
C VAL A 37 1.68 -7.88 -5.04
N THR A 38 0.65 -7.42 -5.79
CA THR A 38 -0.56 -6.91 -5.16
C THR A 38 -1.74 -7.49 -5.90
N GLU A 39 -2.90 -7.68 -5.23
CA GLU A 39 -4.08 -8.22 -5.91
C GLU A 39 -5.32 -7.61 -5.32
N VAL A 40 -6.37 -7.30 -6.12
CA VAL A 40 -7.50 -6.55 -5.60
C VAL A 40 -8.80 -7.03 -6.21
N GLN A 41 -9.93 -6.94 -5.46
CA GLN A 41 -11.24 -7.24 -6.04
C GLN A 41 -12.17 -6.14 -5.59
N GLN A 42 -12.19 -4.97 -6.30
CA GLN A 42 -13.06 -3.89 -5.85
C GLN A 42 -14.51 -4.33 -5.94
N ASP A 43 -15.36 -3.86 -5.00
CA ASP A 43 -16.80 -4.12 -5.02
C ASP A 43 -17.49 -2.80 -4.75
N GLY A 44 -18.84 -2.70 -4.86
CA GLY A 44 -19.51 -1.40 -4.68
C GLY A 44 -18.99 -0.64 -3.47
N GLN A 45 -18.13 0.39 -3.67
CA GLN A 45 -17.61 1.16 -2.55
C GLN A 45 -17.12 0.24 -1.46
N ASP A 46 -16.41 -0.83 -1.86
CA ASP A 46 -15.96 -1.83 -0.91
C ASP A 46 -14.82 -2.60 -1.52
N PHE A 47 -13.98 -3.32 -0.73
CA PHE A 47 -12.76 -3.89 -1.31
C PHE A 47 -12.34 -5.15 -0.60
N THR A 48 -11.67 -6.08 -1.32
CA THR A 48 -10.94 -7.17 -0.67
C THR A 48 -9.54 -7.04 -1.24
N TRP A 49 -8.75 -6.08 -0.70
CA TRP A 49 -7.43 -5.80 -1.25
C TRP A 49 -6.46 -6.83 -0.71
N SER A 50 -5.28 -7.02 -1.34
CA SER A 50 -4.27 -7.88 -0.72
C SER A 50 -2.87 -7.49 -1.14
N GLN A 51 -1.86 -7.92 -0.36
CA GLN A 51 -0.46 -7.60 -0.66
C GLN A 51 0.34 -8.87 -0.57
N HIS A 52 1.58 -8.89 -1.11
CA HIS A 52 2.41 -10.08 -1.02
C HIS A 52 3.85 -9.63 -0.98
N TYR A 53 4.72 -10.11 -0.05
CA TYR A 53 6.04 -9.49 0.07
C TYR A 53 7.09 -10.31 0.77
N SER A 54 8.37 -9.88 0.65
CA SER A 54 9.48 -10.48 1.39
C SER A 54 9.36 -11.98 1.52
N GLY A 55 9.49 -12.73 0.40
CA GLY A 55 9.38 -14.18 0.47
C GLY A 55 7.94 -14.61 0.42
N GLY A 56 7.13 -14.02 -0.50
CA GLY A 56 5.77 -14.50 -0.70
C GLY A 56 4.94 -14.57 0.57
N HIS A 57 5.19 -13.70 1.57
CA HIS A 57 4.28 -13.64 2.72
C HIS A 57 3.02 -12.93 2.23
N THR A 58 1.99 -12.70 3.08
CA THR A 58 0.76 -12.08 2.60
C THR A 58 0.08 -11.25 3.66
N MET A 59 -0.64 -10.18 3.26
CA MET A 59 -1.51 -9.48 4.20
C MET A 59 -2.80 -9.20 3.47
N THR A 60 -3.89 -9.95 3.73
CA THR A 60 -5.16 -9.63 3.08
C THR A 60 -5.73 -8.45 3.83
N ASN A 61 -6.42 -7.52 3.13
CA ASN A 61 -7.05 -6.39 3.81
C ASN A 61 -8.40 -6.17 3.18
N LYS A 62 -9.34 -5.49 3.89
CA LYS A 62 -10.67 -5.27 3.33
C LYS A 62 -11.29 -4.08 4.02
N PHE A 63 -12.22 -3.35 3.37
CA PHE A 63 -12.76 -2.14 3.99
C PHE A 63 -13.90 -1.58 3.18
N THR A 64 -14.78 -0.76 3.80
CA THR A 64 -15.83 -0.07 3.06
C THR A 64 -15.38 1.37 2.96
N VAL A 65 -15.14 1.93 1.75
CA VAL A 65 -14.61 3.29 1.69
C VAL A 65 -15.61 4.23 2.33
N GLY A 66 -15.14 5.36 2.92
CA GLY A 66 -16.04 6.26 3.63
C GLY A 66 -16.09 5.89 5.10
N LYS A 67 -16.20 4.59 5.45
CA LYS A 67 -16.28 4.20 6.85
C LYS A 67 -14.86 3.99 7.33
N GLU A 68 -14.63 4.07 8.66
CA GLU A 68 -13.30 3.77 9.19
C GLU A 68 -13.15 2.27 9.22
N SER A 69 -11.92 1.71 9.06
CA SER A 69 -11.75 0.26 9.09
C SER A 69 -10.45 -0.08 9.77
N ASN A 70 -10.32 -1.27 10.41
CA ASN A 70 -9.04 -1.63 11.02
C ASN A 70 -8.11 -2.01 9.90
N ILE A 71 -6.83 -1.55 9.93
CA ILE A 71 -5.86 -1.97 8.91
C ILE A 71 -4.60 -2.31 9.66
N GLN A 72 -4.19 -3.60 9.73
CA GLN A 72 -2.94 -3.91 10.42
C GLN A 72 -1.79 -3.30 9.66
N THR A 73 -0.64 -3.04 10.32
CA THR A 73 0.51 -2.47 9.64
C THR A 73 1.71 -3.25 10.14
N MET A 74 1.64 -4.59 9.92
CA MET A 74 2.69 -5.52 10.31
C MET A 74 2.87 -5.60 11.81
N GLY A 75 3.53 -6.67 12.32
CA GLY A 75 3.83 -6.74 13.74
C GLY A 75 4.77 -5.59 14.04
N GLY A 76 4.26 -4.45 14.53
CA GLY A 76 5.11 -3.27 14.70
C GLY A 76 4.25 -2.03 14.76
N LYS A 77 3.31 -1.88 13.78
CA LYS A 77 2.38 -0.77 13.80
C LYS A 77 0.98 -1.26 13.51
N THR A 78 -0.04 -0.42 13.80
CA THR A 78 -1.43 -0.75 13.49
C THR A 78 -2.22 0.54 13.51
N PHE A 79 -3.27 0.71 12.68
CA PHE A 79 -4.10 1.91 12.81
C PHE A 79 -5.50 1.67 12.31
N LYS A 80 -6.44 2.59 12.66
CA LYS A 80 -7.81 2.49 12.19
C LYS A 80 -7.90 3.47 11.04
N ALA A 81 -7.34 3.09 9.87
CA ALA A 81 -7.28 4.03 8.77
C ALA A 81 -8.66 4.30 8.24
N THR A 82 -8.87 5.41 7.51
CA THR A 82 -10.14 5.62 6.82
C THR A 82 -9.80 5.62 5.34
N VAL A 83 -10.31 4.63 4.56
CA VAL A 83 -10.00 4.59 3.13
C VAL A 83 -11.11 5.39 2.49
N GLN A 84 -10.82 6.17 1.42
CA GLN A 84 -11.81 7.08 0.86
C GLN A 84 -11.70 7.02 -0.65
N MET A 85 -12.81 7.21 -1.41
CA MET A 85 -12.71 7.26 -2.87
C MET A 85 -13.04 8.67 -3.30
N GLU A 86 -12.04 9.52 -3.63
CA GLU A 86 -12.35 10.83 -4.17
C GLU A 86 -12.53 10.65 -5.66
N GLY A 87 -13.69 10.09 -6.08
CA GLY A 87 -13.93 9.89 -7.50
C GLY A 87 -12.92 8.94 -8.09
N GLY A 88 -11.84 9.45 -8.72
CA GLY A 88 -10.88 8.57 -9.37
C GLY A 88 -9.91 7.98 -8.37
N LYS A 89 -9.30 8.82 -7.49
CA LYS A 89 -8.25 8.30 -6.63
C LYS A 89 -8.84 7.53 -5.47
N LEU A 90 -8.13 6.49 -4.98
CA LEU A 90 -8.57 5.74 -3.80
C LEU A 90 -7.78 6.35 -2.67
N VAL A 91 -8.24 7.52 -2.16
CA VAL A 91 -7.49 8.27 -1.15
C VAL A 91 -7.44 7.50 0.15
N VAL A 92 -6.46 7.78 1.04
CA VAL A 92 -6.45 7.14 2.36
C VAL A 92 -5.70 8.01 3.34
N ASN A 93 -5.96 7.89 4.66
CA ASN A 93 -5.20 8.66 5.65
C ASN A 93 -4.86 7.82 6.85
N PHE A 94 -3.84 8.26 7.63
CA PHE A 94 -3.38 7.50 8.81
C PHE A 94 -2.88 8.48 9.84
N PRO A 95 -2.71 8.17 11.15
CA PRO A 95 -2.12 9.15 12.04
C PRO A 95 -0.70 9.43 11.61
N ASN A 96 -0.28 10.72 11.55
CA ASN A 96 1.11 11.05 11.18
C ASN A 96 1.55 10.38 9.89
N TYR A 97 0.66 10.22 8.89
CA TYR A 97 1.06 9.55 7.64
C TYR A 97 -0.09 9.64 6.65
N HIS A 98 0.16 9.81 5.33
CA HIS A 98 -0.92 9.89 4.35
C HIS A 98 -0.49 9.28 3.03
N GLN A 99 -1.45 8.85 2.17
CA GLN A 99 -1.08 8.36 0.84
C GLN A 99 -2.29 8.47 -0.05
N THR A 100 -2.12 8.46 -1.40
CA THR A 100 -3.28 8.30 -2.29
C THR A 100 -2.94 7.26 -3.31
N SER A 101 -3.90 6.39 -3.73
CA SER A 101 -3.62 5.38 -4.76
C SER A 101 -4.42 5.77 -5.98
N GLU A 102 -4.01 5.33 -7.20
CA GLU A 102 -4.66 5.82 -8.40
C GLU A 102 -4.42 4.88 -9.56
N ILE A 103 -5.33 4.82 -10.56
CA ILE A 103 -5.11 4.00 -11.75
C ILE A 103 -4.75 4.93 -12.87
N VAL A 104 -3.68 4.64 -13.67
CA VAL A 104 -3.31 5.51 -14.79
C VAL A 104 -2.91 4.62 -15.95
N GLY A 105 -3.48 4.78 -17.17
CA GLY A 105 -3.11 3.90 -18.27
C GLY A 105 -3.33 2.44 -17.92
N ASP A 106 -4.38 2.12 -17.14
CA ASP A 106 -4.60 0.74 -16.71
C ASP A 106 -3.40 0.18 -15.99
N LYS A 107 -2.64 1.03 -15.24
CA LYS A 107 -1.56 0.56 -14.37
C LYS A 107 -1.96 0.96 -12.97
N LEU A 108 -1.26 0.48 -11.91
CA LEU A 108 -1.58 0.90 -10.54
C LEU A 108 -0.41 1.73 -10.07
N VAL A 109 -0.64 2.87 -9.39
CA VAL A 109 0.46 3.74 -8.98
C VAL A 109 0.03 4.51 -7.77
N GLU A 110 0.96 4.88 -6.84
CA GLU A 110 0.54 5.57 -5.62
C GLU A 110 1.53 6.65 -5.27
N VAL A 111 1.18 7.58 -4.35
CA VAL A 111 2.10 8.64 -3.94
C VAL A 111 2.12 8.62 -2.42
N SER A 112 3.14 7.98 -1.79
CA SER A 112 3.14 7.89 -0.33
C SER A 112 3.59 9.22 0.21
N THR A 113 3.10 9.69 1.39
CA THR A 113 3.43 11.04 1.84
C THR A 113 3.58 11.05 3.36
N ILE A 114 4.60 11.74 3.92
CA ILE A 114 4.78 11.73 5.38
C ILE A 114 5.66 12.88 5.79
N GLY A 115 5.44 13.53 6.95
CA GLY A 115 6.29 14.65 7.35
C GLY A 115 6.43 15.61 6.19
N GLY A 116 7.67 15.95 5.74
CA GLY A 116 7.85 16.78 4.56
C GLY A 116 8.57 15.97 3.51
N VAL A 117 8.12 14.71 3.28
CA VAL A 117 8.80 13.81 2.35
C VAL A 117 7.75 13.00 1.61
N THR A 118 8.02 12.56 0.36
CA THR A 118 7.01 11.79 -0.39
C THR A 118 7.69 10.98 -1.46
N TYR A 119 7.01 9.96 -2.04
CA TYR A 119 7.64 9.20 -3.12
C TYR A 119 6.62 8.42 -3.91
N GLU A 120 6.95 7.95 -5.13
CA GLU A 120 5.97 7.24 -5.96
C GLU A 120 6.16 5.74 -5.89
N ARG A 121 5.09 4.95 -5.62
CA ARG A 121 5.17 3.50 -5.77
C ARG A 121 4.61 3.21 -7.15
N VAL A 122 5.19 2.26 -7.92
CA VAL A 122 4.67 1.99 -9.27
C VAL A 122 4.32 0.52 -9.35
N SER A 123 3.28 0.12 -10.11
CA SER A 123 2.91 -1.28 -10.16
C SER A 123 2.17 -1.58 -11.44
N LYS A 124 2.68 -2.44 -12.35
CA LYS A 124 1.99 -2.63 -13.62
C LYS A 124 0.84 -3.60 -13.42
N ARG A 125 -0.25 -3.51 -14.23
CA ARG A 125 -1.35 -4.45 -14.08
C ARG A 125 -1.05 -5.67 -14.90
N LEU A 126 -1.34 -6.89 -14.39
CA LEU A 126 -1.09 -8.11 -15.16
C LEU A 126 -2.37 -8.51 -15.85
N ALA A 127 -3.47 -8.71 -15.08
CA ALA A 127 -4.73 -9.12 -15.70
C ALA A 127 -5.88 -8.90 -14.75
N ALA A 1 -11.12 -1.01 -12.40
CA ALA A 1 -11.70 -0.27 -11.28
C ALA A 1 -11.10 -0.79 -9.99
N PHE A 2 -9.78 -0.55 -9.76
CA PHE A 2 -9.12 -1.07 -8.56
C PHE A 2 -9.46 -2.53 -8.41
N THR A 3 -9.09 -3.36 -9.41
CA THR A 3 -9.42 -4.79 -9.39
C THR A 3 -8.35 -5.55 -10.13
N GLY A 4 -8.05 -6.81 -9.73
CA GLY A 4 -7.10 -7.62 -10.50
C GLY A 4 -5.82 -7.80 -9.72
N LYS A 5 -4.73 -8.20 -10.42
CA LYS A 5 -3.45 -8.47 -9.76
C LYS A 5 -2.42 -7.53 -10.34
N PHE A 6 -1.35 -7.18 -9.59
CA PHE A 6 -0.40 -6.19 -10.09
C PHE A 6 1.01 -6.50 -9.59
N GLU A 7 2.08 -6.37 -10.41
CA GLU A 7 3.43 -6.67 -9.94
C GLU A 7 4.12 -5.38 -9.56
N MET A 8 4.14 -5.01 -8.25
CA MET A 8 4.79 -3.79 -7.81
C MET A 8 6.29 -3.99 -7.87
N GLU A 9 7.07 -3.02 -8.39
CA GLU A 9 8.49 -3.31 -8.63
C GLU A 9 9.32 -2.05 -8.78
N SER A 10 8.95 -1.05 -9.62
CA SER A 10 9.71 0.19 -9.65
C SER A 10 9.25 1.01 -8.46
N GLU A 11 10.18 1.56 -7.64
CA GLU A 11 9.78 2.31 -6.45
C GLU A 11 10.76 3.45 -6.25
N LYS A 12 10.33 4.60 -5.67
CA LYS A 12 11.23 5.74 -5.49
C LYS A 12 11.43 5.93 -4.00
N ASN A 13 12.63 6.41 -3.56
CA ASN A 13 12.88 6.61 -2.12
C ASN A 13 12.25 5.54 -1.26
N TYR A 14 12.31 4.26 -1.69
CA TYR A 14 11.64 3.21 -0.95
C TYR A 14 12.25 3.05 0.42
N ASP A 15 13.58 2.85 0.52
CA ASP A 15 14.17 2.61 1.83
C ASP A 15 13.94 3.77 2.75
N GLU A 16 14.16 5.03 2.30
CA GLU A 16 13.97 6.16 3.21
C GLU A 16 12.52 6.20 3.63
N PHE A 17 11.58 6.25 2.67
CA PHE A 17 10.16 6.39 3.03
C PHE A 17 9.76 5.31 4.01
N MET A 18 10.17 4.05 3.78
CA MET A 18 9.83 2.98 4.72
C MET A 18 10.49 3.22 6.05
N LYS A 19 11.77 3.62 6.08
CA LYS A 19 12.42 3.87 7.37
C LYS A 19 11.61 4.91 8.14
N LEU A 20 11.10 5.96 7.45
CA LEU A 20 10.30 6.97 8.14
C LEU A 20 8.99 6.33 8.60
N LEU A 21 8.34 5.52 7.73
CA LEU A 21 7.12 4.83 8.15
C LEU A 21 7.38 4.08 9.45
N GLY A 22 8.61 3.55 9.64
CA GLY A 22 8.98 2.93 10.91
C GLY A 22 9.06 1.45 10.65
N ILE A 23 10.10 1.02 9.89
CA ILE A 23 10.17 -0.35 9.41
C ILE A 23 11.60 -0.83 9.60
N SER A 24 11.85 -2.14 9.82
CA SER A 24 13.20 -2.60 10.10
C SER A 24 14.05 -2.58 8.85
N SER A 25 15.40 -2.56 9.01
CA SER A 25 16.26 -2.52 7.83
C SER A 25 16.21 -3.85 7.11
N ASP A 26 16.36 -4.99 7.83
CA ASP A 26 16.39 -6.28 7.14
C ASP A 26 15.16 -6.44 6.25
N VAL A 27 13.95 -6.08 6.74
CA VAL A 27 12.76 -6.29 5.91
C VAL A 27 12.77 -5.28 4.78
N ILE A 28 13.31 -4.06 4.96
CA ILE A 28 13.42 -3.15 3.82
C ILE A 28 14.24 -3.84 2.74
N GLU A 29 15.44 -4.37 3.07
CA GLU A 29 16.26 -4.99 2.04
C GLU A 29 15.47 -6.09 1.37
N LYS A 30 14.91 -7.04 2.16
CA LYS A 30 14.21 -8.17 1.55
C LYS A 30 13.06 -7.65 0.71
N ALA A 31 12.32 -6.64 1.18
CA ALA A 31 11.18 -6.13 0.43
C ALA A 31 11.64 -5.52 -0.88
N ARG A 32 12.76 -4.77 -0.92
CA ARG A 32 13.22 -4.21 -2.18
C ARG A 32 13.66 -5.34 -3.10
N ASN A 33 14.56 -6.24 -2.62
CA ASN A 33 15.03 -7.32 -3.48
C ASN A 33 13.85 -8.06 -4.06
N PHE A 34 12.83 -8.36 -3.23
CA PHE A 34 11.66 -9.07 -3.71
C PHE A 34 10.80 -8.11 -4.50
N LYS A 35 10.16 -8.53 -5.62
CA LYS A 35 9.25 -7.63 -6.32
C LYS A 35 7.95 -7.70 -5.56
N ILE A 36 7.45 -6.58 -4.96
CA ILE A 36 6.23 -6.67 -4.16
C ILE A 36 5.12 -7.04 -5.13
N VAL A 37 4.11 -7.84 -4.71
CA VAL A 37 2.97 -8.12 -5.57
C VAL A 37 1.76 -7.60 -4.85
N THR A 38 0.73 -7.09 -5.57
CA THR A 38 -0.45 -6.53 -4.93
C THR A 38 -1.67 -7.12 -5.59
N GLU A 39 -2.81 -7.26 -4.89
CA GLU A 39 -4.00 -7.81 -5.53
C GLU A 39 -5.23 -7.17 -4.91
N VAL A 40 -6.30 -6.92 -5.70
CA VAL A 40 -7.42 -6.13 -5.19
C VAL A 40 -8.73 -6.66 -5.74
N GLN A 41 -9.85 -6.52 -5.00
CA GLN A 41 -11.15 -6.90 -5.54
C GLN A 41 -12.15 -5.83 -5.15
N GLN A 42 -12.28 -4.74 -5.95
CA GLN A 42 -13.32 -3.75 -5.66
C GLN A 42 -14.65 -4.48 -5.72
N ASP A 43 -15.64 -4.12 -4.88
CA ASP A 43 -16.92 -4.82 -4.90
C ASP A 43 -18.02 -3.94 -4.35
N GLY A 44 -18.46 -2.92 -5.11
CA GLY A 44 -19.54 -2.06 -4.64
C GLY A 44 -19.10 -1.29 -3.42
N GLN A 45 -18.05 -0.44 -3.56
CA GLN A 45 -17.52 0.33 -2.43
C GLN A 45 -16.72 -0.50 -1.46
N ASP A 46 -16.68 -1.85 -1.57
CA ASP A 46 -15.84 -2.64 -0.68
C ASP A 46 -14.54 -2.91 -1.40
N PHE A 47 -13.45 -3.25 -0.68
CA PHE A 47 -12.15 -3.42 -1.32
C PHE A 47 -11.35 -4.45 -0.56
N THR A 48 -11.31 -5.72 -0.99
CA THR A 48 -10.41 -6.67 -0.33
C THR A 48 -9.04 -6.41 -0.91
N TRP A 49 -8.28 -5.46 -0.31
CA TRP A 49 -6.96 -5.12 -0.86
C TRP A 49 -5.95 -6.09 -0.30
N SER A 50 -4.82 -6.37 -1.00
CA SER A 50 -3.82 -7.27 -0.43
C SER A 50 -2.43 -6.92 -0.87
N GLN A 51 -1.42 -7.43 -0.12
CA GLN A 51 -0.01 -7.15 -0.43
C GLN A 51 0.75 -8.45 -0.29
N HIS A 52 1.97 -8.54 -0.87
CA HIS A 52 2.76 -9.76 -0.75
C HIS A 52 4.21 -9.34 -0.79
N TYR A 53 5.09 -9.71 0.17
CA TYR A 53 6.41 -9.07 0.21
C TYR A 53 7.45 -9.85 0.98
N SER A 54 8.76 -9.58 0.74
CA SER A 54 9.83 -10.25 1.46
C SER A 54 9.58 -11.74 1.48
N GLY A 55 9.76 -12.44 0.34
CA GLY A 55 9.34 -13.84 0.29
C GLY A 55 7.84 -13.92 0.12
N GLY A 56 7.17 -12.89 -0.46
CA GLY A 56 5.74 -12.97 -0.69
C GLY A 56 4.93 -13.22 0.56
N HIS A 57 5.41 -12.84 1.77
CA HIS A 57 4.59 -13.03 2.96
C HIS A 57 3.33 -12.22 2.78
N THR A 58 2.12 -12.82 2.90
CA THR A 58 0.91 -12.08 2.55
C THR A 58 0.46 -11.18 3.68
N MET A 59 -0.10 -10.00 3.32
CA MET A 59 -0.85 -9.19 4.29
C MET A 59 -2.16 -8.86 3.60
N THR A 60 -3.30 -8.73 4.32
CA THR A 60 -4.57 -8.47 3.65
C THR A 60 -5.50 -7.69 4.56
N ASN A 61 -6.03 -6.52 4.11
CA ASN A 61 -7.03 -5.79 4.89
C ASN A 61 -8.23 -5.57 3.99
N LYS A 62 -9.43 -5.30 4.54
CA LYS A 62 -10.56 -4.94 3.70
C LYS A 62 -11.29 -3.76 4.33
N PHE A 63 -12.10 -3.01 3.55
CA PHE A 63 -12.75 -1.84 4.13
C PHE A 63 -13.85 -1.35 3.20
N THR A 64 -14.80 -0.53 3.71
CA THR A 64 -15.79 0.11 2.86
C THR A 64 -15.43 1.58 2.82
N VAL A 65 -15.39 2.24 1.65
CA VAL A 65 -14.91 3.61 1.61
C VAL A 65 -15.95 4.51 2.23
N GLY A 66 -15.53 5.63 2.87
CA GLY A 66 -16.47 6.50 3.59
C GLY A 66 -16.62 6.10 5.03
N LYS A 67 -16.42 4.81 5.41
CA LYS A 67 -16.65 4.38 6.78
C LYS A 67 -15.31 4.29 7.47
N GLU A 68 -15.26 4.42 8.82
CA GLU A 68 -14.00 4.16 9.50
C GLU A 68 -13.75 2.68 9.39
N SER A 69 -12.50 2.23 9.13
CA SER A 69 -12.23 0.81 9.03
C SER A 69 -10.90 0.52 9.71
N ASN A 70 -10.74 -0.66 10.36
CA ASN A 70 -9.44 -0.95 10.96
C ASN A 70 -8.50 -1.30 9.84
N ILE A 71 -7.22 -0.89 9.93
CA ILE A 71 -6.23 -1.24 8.91
C ILE A 71 -5.12 -1.94 9.64
N GLN A 72 -4.36 -2.87 9.00
CA GLN A 72 -3.19 -3.44 9.66
C GLN A 72 -1.94 -3.06 8.91
N THR A 73 -0.77 -3.03 9.59
CA THR A 73 0.48 -2.65 8.96
C THR A 73 1.38 -3.84 9.19
N MET A 74 1.11 -4.92 8.44
CA MET A 74 1.89 -6.16 8.54
C MET A 74 1.65 -6.81 9.87
N GLY A 75 2.01 -8.11 10.03
CA GLY A 75 1.77 -8.79 11.31
C GLY A 75 2.69 -8.19 12.35
N GLY A 76 2.24 -7.11 13.05
CA GLY A 76 3.09 -6.50 14.06
C GLY A 76 2.58 -5.14 14.46
N LYS A 77 2.46 -4.22 13.47
CA LYS A 77 1.97 -2.88 13.76
C LYS A 77 0.51 -2.78 13.35
N THR A 78 -0.24 -1.75 13.81
CA THR A 78 -1.66 -1.64 13.46
C THR A 78 -2.13 -0.21 13.60
N PHE A 79 -3.14 0.23 12.82
CA PHE A 79 -3.70 1.58 12.98
C PHE A 79 -5.05 1.69 12.30
N LYS A 80 -5.86 2.73 12.58
CA LYS A 80 -7.19 2.85 12.01
C LYS A 80 -7.30 4.08 11.15
N ALA A 81 -8.30 4.15 10.25
CA ALA A 81 -8.44 5.32 9.40
C ALA A 81 -9.73 5.29 8.61
N THR A 82 -10.11 6.44 7.99
CA THR A 82 -11.24 6.42 7.06
C THR A 82 -10.65 6.26 5.69
N VAL A 83 -10.96 5.17 4.96
CA VAL A 83 -10.50 5.08 3.58
C VAL A 83 -11.56 5.83 2.81
N GLN A 84 -11.19 6.75 1.90
CA GLN A 84 -12.18 7.53 1.15
C GLN A 84 -11.92 7.26 -0.32
N MET A 85 -12.78 7.75 -1.23
CA MET A 85 -12.50 7.61 -2.66
C MET A 85 -12.82 8.92 -3.34
N GLU A 86 -11.96 9.42 -4.25
CA GLU A 86 -12.19 10.70 -4.91
C GLU A 86 -12.25 10.43 -6.39
N GLY A 87 -13.26 9.64 -6.82
CA GLY A 87 -13.43 9.36 -8.24
C GLY A 87 -12.18 8.72 -8.81
N GLY A 88 -11.29 9.50 -9.46
CA GLY A 88 -10.11 8.91 -10.07
C GLY A 88 -9.26 8.19 -9.06
N LYS A 89 -8.93 8.86 -7.92
CA LYS A 89 -8.03 8.24 -6.95
C LYS A 89 -8.80 7.47 -5.90
N LEU A 90 -8.11 6.55 -5.21
CA LEU A 90 -8.61 5.93 -3.99
C LEU A 90 -7.79 6.59 -2.91
N VAL A 91 -8.34 6.86 -1.69
CA VAL A 91 -7.68 7.81 -0.78
C VAL A 91 -7.76 7.33 0.65
N VAL A 92 -6.87 7.81 1.56
CA VAL A 92 -6.99 7.47 2.97
C VAL A 92 -6.29 8.52 3.80
N ASN A 93 -6.67 8.71 5.09
CA ASN A 93 -5.90 9.61 5.95
C ASN A 93 -5.71 9.01 7.33
N PHE A 94 -4.57 9.33 7.99
CA PHE A 94 -4.20 8.70 9.26
C PHE A 94 -3.61 9.76 10.17
N PRO A 95 -3.47 9.57 11.51
CA PRO A 95 -2.80 10.59 12.30
C PRO A 95 -1.36 10.75 11.85
N ASN A 96 -0.89 11.99 11.58
CA ASN A 96 0.49 12.22 11.15
C ASN A 96 0.94 11.29 10.03
N TYR A 97 0.04 10.96 9.07
CA TYR A 97 0.44 10.13 7.93
C TYR A 97 -0.65 10.17 6.89
N HIS A 98 -0.36 9.89 5.60
CA HIS A 98 -1.42 9.95 4.58
C HIS A 98 -1.03 9.13 3.38
N GLN A 99 -2.00 8.68 2.55
CA GLN A 99 -1.64 7.96 1.32
C GLN A 99 -2.76 8.00 0.31
N THR A 100 -2.44 7.83 -1.00
CA THR A 100 -3.50 7.66 -2.00
C THR A 100 -3.07 6.60 -2.99
N SER A 101 -4.04 5.87 -3.61
CA SER A 101 -3.71 4.91 -4.67
C SER A 101 -4.44 5.36 -5.91
N GLU A 102 -4.01 4.93 -7.12
CA GLU A 102 -4.62 5.45 -8.35
C GLU A 102 -4.30 4.51 -9.50
N ILE A 103 -5.16 4.40 -10.53
CA ILE A 103 -4.84 3.56 -11.70
C ILE A 103 -4.51 4.50 -12.84
N VAL A 104 -3.42 4.24 -13.62
CA VAL A 104 -3.09 5.10 -14.76
C VAL A 104 -2.58 4.25 -15.89
N GLY A 105 -3.05 4.43 -17.15
CA GLY A 105 -2.50 3.66 -18.27
C GLY A 105 -2.44 2.17 -17.99
N ASP A 106 -3.48 1.60 -17.34
CA ASP A 106 -3.45 0.17 -17.00
C ASP A 106 -2.25 -0.16 -16.14
N LYS A 107 -1.93 0.71 -15.16
CA LYS A 107 -0.89 0.43 -14.18
C LYS A 107 -1.46 0.78 -12.83
N LEU A 108 -1.17 0.04 -11.74
CA LEU A 108 -1.58 0.49 -10.42
C LEU A 108 -0.45 1.38 -9.98
N VAL A 109 -0.69 2.66 -9.67
CA VAL A 109 0.37 3.53 -9.19
C VAL A 109 -0.05 4.08 -7.84
N GLU A 110 0.89 4.55 -7.00
CA GLU A 110 0.50 5.05 -5.68
C GLU A 110 1.41 6.19 -5.28
N VAL A 111 0.92 7.12 -4.43
CA VAL A 111 1.76 8.22 -3.94
C VAL A 111 1.53 8.28 -2.45
N SER A 112 2.56 8.60 -1.61
CA SER A 112 2.34 8.61 -0.17
C SER A 112 3.14 9.70 0.48
N THR A 113 2.74 10.18 1.67
CA THR A 113 3.39 11.35 2.27
C THR A 113 3.60 11.10 3.75
N ILE A 114 4.71 11.63 4.33
CA ILE A 114 4.97 11.45 5.75
C ILE A 114 5.94 12.51 6.21
N GLY A 115 5.80 13.06 7.44
CA GLY A 115 6.73 14.13 7.85
C GLY A 115 6.77 15.19 6.77
N GLY A 116 7.98 15.59 6.30
CA GLY A 116 8.07 16.51 5.16
C GLY A 116 8.72 15.79 4.01
N VAL A 117 8.25 14.56 3.70
CA VAL A 117 8.86 13.74 2.65
C VAL A 117 7.76 13.01 1.92
N THR A 118 7.97 12.64 0.63
CA THR A 118 6.92 11.92 -0.11
C THR A 118 7.56 10.96 -1.08
N TYR A 119 6.84 9.91 -1.54
CA TYR A 119 7.42 8.97 -2.49
C TYR A 119 6.39 8.46 -3.47
N GLU A 120 6.74 7.46 -4.29
CA GLU A 120 5.79 6.97 -5.30
C GLU A 120 6.15 5.57 -5.72
N ARG A 121 5.16 4.78 -6.22
CA ARG A 121 5.45 3.44 -6.70
C ARG A 121 4.66 3.18 -7.96
N VAL A 122 5.09 2.17 -8.77
CA VAL A 122 4.36 1.83 -10.00
C VAL A 122 4.23 0.33 -10.02
N SER A 123 3.14 -0.21 -10.62
CA SER A 123 2.96 -1.66 -10.65
C SER A 123 2.29 -2.06 -11.94
N LYS A 124 2.64 -3.25 -12.50
CA LYS A 124 2.17 -3.61 -13.84
C LYS A 124 0.93 -4.44 -13.67
N ARG A 125 -0.27 -4.01 -14.17
CA ARG A 125 -1.45 -4.84 -13.99
C ARG A 125 -1.25 -6.12 -14.77
N LEU A 126 -1.57 -7.30 -14.18
CA LEU A 126 -1.40 -8.57 -14.89
C LEU A 126 -2.74 -8.97 -15.46
N ALA A 127 -3.79 -9.09 -14.62
CA ALA A 127 -5.11 -9.41 -15.14
C ALA A 127 -5.61 -8.23 -15.93
N ALA A 1 -10.62 -1.59 -12.28
CA ALA A 1 -9.35 -1.03 -11.86
C ALA A 1 -8.98 -1.60 -10.51
N PHE A 2 -7.69 -1.50 -10.10
CA PHE A 2 -7.29 -1.98 -8.78
C PHE A 2 -7.78 -3.40 -8.61
N THR A 3 -7.38 -4.29 -9.53
CA THR A 3 -7.84 -5.68 -9.49
C THR A 3 -6.80 -6.56 -10.12
N GLY A 4 -6.70 -7.85 -9.73
CA GLY A 4 -5.74 -8.75 -10.36
C GLY A 4 -4.48 -8.83 -9.54
N LYS A 5 -3.44 -9.53 -10.07
CA LYS A 5 -2.19 -9.70 -9.33
C LYS A 5 -1.21 -8.64 -9.75
N PHE A 6 -0.26 -8.26 -8.86
CA PHE A 6 0.73 -7.24 -9.18
C PHE A 6 2.08 -7.67 -8.63
N GLU A 7 3.22 -7.22 -9.22
CA GLU A 7 4.54 -7.60 -8.71
C GLU A 7 5.23 -6.34 -8.26
N MET A 8 5.68 -6.24 -6.99
CA MET A 8 6.28 -5.01 -6.49
C MET A 8 7.77 -5.17 -6.49
N GLU A 9 8.54 -4.15 -6.93
CA GLU A 9 9.95 -4.38 -7.27
C GLU A 9 10.85 -3.24 -6.85
N SER A 10 10.65 -1.99 -7.35
CA SER A 10 11.57 -0.90 -7.04
C SER A 10 10.93 0.03 -6.03
N GLU A 11 11.73 0.59 -5.09
CA GLU A 11 11.18 1.49 -4.08
C GLU A 11 12.20 2.57 -3.76
N LYS A 12 11.80 3.68 -3.08
CA LYS A 12 12.74 4.75 -2.76
C LYS A 12 12.60 5.08 -1.29
N ASN A 13 13.67 5.40 -0.53
CA ASN A 13 13.53 5.69 0.90
C ASN A 13 12.57 4.74 1.57
N TYR A 14 12.69 3.42 1.26
CA TYR A 14 11.77 2.44 1.82
C TYR A 14 11.98 2.30 3.30
N ASP A 15 13.19 1.95 3.78
CA ASP A 15 13.37 1.72 5.21
C ASP A 15 12.97 2.93 6.02
N GLU A 16 13.35 4.15 5.60
CA GLU A 16 12.97 5.34 6.38
C GLU A 16 11.47 5.42 6.42
N PHE A 17 10.81 5.36 5.25
CA PHE A 17 9.35 5.49 5.21
C PHE A 17 8.69 4.45 6.08
N MET A 18 9.09 3.17 5.96
CA MET A 18 8.43 2.09 6.70
C MET A 18 8.70 2.24 8.18
N LYS A 19 9.94 2.55 8.58
CA LYS A 19 10.23 2.72 10.01
C LYS A 19 9.32 3.80 10.56
N LEU A 20 9.23 4.97 9.89
CA LEU A 20 8.39 6.04 10.40
C LEU A 20 6.95 5.58 10.46
N LEU A 21 6.45 4.89 9.41
CA LEU A 21 5.07 4.40 9.45
C LEU A 21 4.85 3.63 10.73
N GLY A 22 5.61 2.53 10.95
CA GLY A 22 5.40 1.70 12.13
C GLY A 22 5.44 0.26 11.69
N ILE A 23 6.64 -0.22 11.29
CA ILE A 23 6.81 -1.56 10.75
C ILE A 23 8.01 -2.16 11.45
N SER A 24 8.06 -3.48 11.72
CA SER A 24 9.18 -4.01 12.49
C SER A 24 10.47 -3.97 11.69
N SER A 25 11.65 -4.05 12.35
CA SER A 25 12.91 -3.91 11.63
C SER A 25 13.20 -5.17 10.83
N ASP A 26 13.13 -6.37 11.45
CA ASP A 26 13.45 -7.58 10.70
C ASP A 26 12.66 -7.65 9.42
N VAL A 27 11.34 -7.31 9.46
CA VAL A 27 10.54 -7.41 8.25
C VAL A 27 10.97 -6.34 7.27
N ILE A 28 11.41 -5.14 7.70
CA ILE A 28 11.91 -4.17 6.71
C ILE A 28 13.04 -4.81 5.93
N GLU A 29 14.05 -5.38 6.63
CA GLU A 29 15.20 -5.93 5.92
C GLU A 29 14.75 -7.02 4.97
N LYS A 30 13.98 -8.01 5.48
CA LYS A 30 13.61 -9.16 4.65
C LYS A 30 12.69 -8.72 3.54
N ALA A 31 11.72 -7.81 3.82
CA ALA A 31 10.78 -7.39 2.80
C ALA A 31 11.52 -6.73 1.66
N ARG A 32 12.51 -5.84 1.93
CA ARG A 32 13.26 -5.24 0.81
C ARG A 32 13.96 -6.33 0.05
N ASN A 33 14.71 -7.22 0.74
CA ASN A 33 15.47 -8.25 0.04
C ASN A 33 14.56 -9.07 -0.86
N PHE A 34 13.38 -9.45 -0.33
CA PHE A 34 12.44 -10.27 -1.09
C PHE A 34 11.71 -9.40 -2.10
N LYS A 35 11.42 -9.87 -3.34
CA LYS A 35 10.64 -9.03 -4.26
C LYS A 35 9.25 -9.04 -3.71
N ILE A 36 8.66 -7.89 -3.31
CA ILE A 36 7.35 -7.92 -2.68
C ILE A 36 6.34 -8.26 -3.75
N VAL A 37 5.22 -8.94 -3.41
CA VAL A 37 4.18 -9.22 -4.40
C VAL A 37 2.89 -8.71 -3.82
N THR A 38 1.94 -8.25 -4.66
CA THR A 38 0.71 -7.62 -4.15
C THR A 38 -0.45 -8.15 -4.96
N GLU A 39 -1.67 -8.18 -4.40
CA GLU A 39 -2.82 -8.69 -5.16
C GLU A 39 -4.07 -8.00 -4.68
N VAL A 40 -5.06 -7.73 -5.58
CA VAL A 40 -6.21 -6.90 -5.19
C VAL A 40 -7.47 -7.40 -5.84
N GLN A 41 -8.65 -7.18 -5.20
CA GLN A 41 -9.91 -7.49 -5.87
C GLN A 41 -10.88 -6.35 -5.59
N GLN A 42 -10.83 -5.25 -6.37
CA GLN A 42 -11.82 -4.19 -6.15
C GLN A 42 -13.19 -4.78 -6.39
N ASP A 43 -14.23 -4.36 -5.64
CA ASP A 43 -15.54 -4.99 -5.77
C ASP A 43 -16.62 -4.00 -5.38
N GLY A 44 -16.85 -2.97 -6.22
CA GLY A 44 -17.93 -2.03 -5.94
C GLY A 44 -17.74 -1.36 -4.61
N GLN A 45 -16.67 -0.54 -4.46
CA GLN A 45 -16.39 0.17 -3.21
C GLN A 45 -15.64 -0.70 -2.22
N ASP A 46 -15.78 -2.05 -2.24
CA ASP A 46 -15.01 -2.89 -1.33
C ASP A 46 -13.70 -3.25 -1.99
N PHE A 47 -12.67 -3.66 -1.19
CA PHE A 47 -11.36 -3.93 -1.76
C PHE A 47 -10.70 -5.01 -0.93
N THR A 48 -10.62 -6.29 -1.37
CA THR A 48 -9.83 -7.27 -0.63
C THR A 48 -8.40 -7.05 -1.10
N TRP A 49 -7.67 -6.10 -0.46
CA TRP A 49 -6.30 -5.83 -0.89
C TRP A 49 -5.39 -6.81 -0.20
N SER A 50 -4.19 -7.14 -0.75
CA SER A 50 -3.31 -8.06 -0.06
C SER A 50 -1.86 -7.78 -0.31
N GLN A 51 -0.97 -8.30 0.57
CA GLN A 51 0.46 -8.10 0.43
C GLN A 51 1.10 -9.46 0.57
N HIS A 52 2.37 -9.63 0.11
CA HIS A 52 3.04 -10.92 0.24
C HIS A 52 4.52 -10.61 0.39
N TYR A 53 5.20 -10.99 1.49
CA TYR A 53 6.54 -10.45 1.72
C TYR A 53 7.37 -11.24 2.70
N SER A 54 8.70 -11.05 2.67
CA SER A 54 9.60 -11.74 3.61
C SER A 54 9.29 -13.22 3.57
N GLY A 55 9.63 -13.89 2.45
CA GLY A 55 9.19 -15.28 2.29
C GLY A 55 7.72 -15.30 1.93
N GLY A 56 7.19 -14.28 1.22
CA GLY A 56 5.80 -14.30 0.80
C GLY A 56 4.81 -14.44 1.95
N HIS A 57 5.17 -14.09 3.20
CA HIS A 57 4.18 -14.18 4.28
C HIS A 57 3.04 -13.25 3.93
N THR A 58 1.77 -13.69 4.02
CA THR A 58 0.66 -12.89 3.50
C THR A 58 0.05 -12.02 4.57
N MET A 59 -0.47 -10.83 4.19
CA MET A 59 -1.36 -10.07 5.05
C MET A 59 -2.50 -9.62 4.16
N THR A 60 -3.79 -9.85 4.54
CA THR A 60 -4.91 -9.49 3.66
C THR A 60 -5.77 -8.49 4.39
N ASN A 61 -5.53 -7.17 4.18
CA ASN A 61 -6.42 -6.18 4.77
C ASN A 61 -7.58 -5.97 3.82
N LYS A 62 -8.77 -5.58 4.31
CA LYS A 62 -9.87 -5.23 3.40
C LYS A 62 -10.52 -3.98 3.92
N PHE A 63 -11.27 -3.24 3.07
CA PHE A 63 -11.90 -2.01 3.54
C PHE A 63 -12.99 -1.58 2.58
N THR A 64 -13.88 -0.66 3.01
CA THR A 64 -14.87 -0.08 2.12
C THR A 64 -14.60 1.40 2.07
N VAL A 65 -14.56 2.03 0.87
CA VAL A 65 -14.14 3.43 0.81
C VAL A 65 -15.31 4.28 1.25
N GLY A 66 -15.04 5.50 1.77
CA GLY A 66 -16.11 6.29 2.35
C GLY A 66 -16.51 5.78 3.71
N LYS A 67 -15.81 4.79 4.32
CA LYS A 67 -16.18 4.33 5.66
C LYS A 67 -14.92 4.11 6.48
N GLU A 68 -15.04 4.04 7.83
CA GLU A 68 -13.86 3.75 8.63
C GLU A 68 -13.56 2.28 8.47
N SER A 69 -12.25 1.87 8.47
CA SER A 69 -11.92 0.45 8.35
C SER A 69 -10.69 0.17 9.18
N ASN A 70 -10.52 -1.08 9.69
CA ASN A 70 -9.31 -1.39 10.45
C ASN A 70 -8.19 -1.61 9.48
N ILE A 71 -7.02 -0.92 9.62
CA ILE A 71 -5.91 -1.13 8.71
C ILE A 71 -4.76 -1.68 9.52
N GLN A 72 -4.53 -3.02 9.52
CA GLN A 72 -3.37 -3.55 10.23
C GLN A 72 -2.13 -3.20 9.44
N THR A 73 -0.96 -2.99 10.11
CA THR A 73 0.27 -2.68 9.38
C THR A 73 1.39 -3.51 9.98
N MET A 74 1.29 -4.85 9.82
CA MET A 74 2.35 -5.74 10.34
C MET A 74 2.46 -5.61 11.85
N GLY A 75 3.26 -6.48 12.50
CA GLY A 75 3.38 -6.40 13.96
C GLY A 75 3.81 -5.04 14.43
N GLY A 76 4.56 -4.25 13.62
CA GLY A 76 5.03 -2.95 14.09
C GLY A 76 3.88 -2.10 14.60
N LYS A 77 2.75 -2.00 13.87
CA LYS A 77 1.67 -1.11 14.32
C LYS A 77 0.33 -1.47 13.71
N THR A 78 -0.80 -1.07 14.35
CA THR A 78 -2.13 -1.30 13.78
C THR A 78 -3.01 -0.12 14.14
N PHE A 79 -3.98 0.27 13.28
CA PHE A 79 -4.81 1.43 13.58
C PHE A 79 -6.01 1.50 12.65
N LYS A 80 -6.99 2.38 12.91
CA LYS A 80 -8.13 2.54 12.00
C LYS A 80 -7.93 3.73 11.11
N ALA A 81 -8.62 3.79 9.94
CA ALA A 81 -8.44 4.93 9.03
C ALA A 81 -9.67 5.12 8.17
N THR A 82 -9.82 6.27 7.48
CA THR A 82 -10.93 6.43 6.54
C THR A 82 -10.33 6.23 5.17
N VAL A 83 -10.67 5.13 4.45
CA VAL A 83 -10.13 4.94 3.11
C VAL A 83 -11.08 5.70 2.20
N GLN A 84 -10.55 6.33 1.12
CA GLN A 84 -11.35 7.18 0.24
C GLN A 84 -11.04 6.79 -1.18
N MET A 85 -11.75 7.35 -2.20
CA MET A 85 -11.35 7.11 -3.58
C MET A 85 -11.61 8.37 -4.38
N GLU A 86 -10.67 8.78 -5.27
CA GLU A 86 -10.85 10.02 -6.03
C GLU A 86 -10.80 9.66 -7.50
N GLY A 87 -11.77 8.84 -7.95
CA GLY A 87 -11.84 8.46 -9.35
C GLY A 87 -10.54 7.79 -9.78
N GLY A 88 -9.61 8.54 -10.42
CA GLY A 88 -8.38 7.90 -10.89
C GLY A 88 -7.58 7.31 -9.76
N LYS A 89 -7.37 8.07 -8.66
CA LYS A 89 -6.52 7.56 -7.59
C LYS A 89 -7.33 6.85 -6.53
N LEU A 90 -6.66 6.02 -5.70
CA LEU A 90 -7.30 5.39 -4.54
C LEU A 90 -6.59 6.03 -3.36
N VAL A 91 -7.32 6.47 -2.31
CA VAL A 91 -6.77 7.47 -1.39
C VAL A 91 -7.07 7.10 0.04
N VAL A 92 -6.37 7.69 1.04
CA VAL A 92 -6.66 7.39 2.44
C VAL A 92 -6.05 8.46 3.31
N ASN A 93 -6.53 8.65 4.56
CA ASN A 93 -5.88 9.61 5.46
C ASN A 93 -5.69 9.01 6.83
N PHE A 94 -4.73 9.57 7.61
CA PHE A 94 -4.39 9.06 8.93
C PHE A 94 -4.02 10.25 9.80
N PRO A 95 -3.96 10.23 11.15
CA PRO A 95 -3.53 11.43 11.86
C PRO A 95 -2.12 11.80 11.49
N ASN A 96 -1.85 13.05 11.05
CA ASN A 96 -0.49 13.48 10.71
C ASN A 96 0.20 12.49 9.79
N TYR A 97 -0.53 11.97 8.77
CA TYR A 97 0.07 10.99 7.85
C TYR A 97 -0.93 10.75 6.74
N HIS A 98 -0.52 10.55 5.46
CA HIS A 98 -1.48 10.39 4.37
C HIS A 98 -0.92 9.49 3.29
N GLN A 99 -1.75 8.91 2.38
CA GLN A 99 -1.19 8.12 1.29
C GLN A 99 -2.11 8.12 0.08
N THR A 100 -1.56 7.94 -1.15
CA THR A 100 -2.38 7.79 -2.34
C THR A 100 -1.86 6.64 -3.17
N SER A 101 -2.67 6.10 -4.09
CA SER A 101 -2.21 5.04 -4.99
C SER A 101 -2.84 5.26 -6.34
N GLU A 102 -2.26 4.74 -7.45
CA GLU A 102 -2.80 5.07 -8.77
C GLU A 102 -2.44 4.01 -9.77
N ILE A 103 -3.30 3.75 -10.78
CA ILE A 103 -3.00 2.77 -11.81
C ILE A 103 -2.37 3.57 -12.93
N VAL A 104 -1.03 3.62 -13.02
CA VAL A 104 -0.37 4.49 -14.00
C VAL A 104 -0.13 3.72 -15.27
N GLY A 105 -0.93 3.93 -16.34
CA GLY A 105 -0.67 3.22 -17.61
C GLY A 105 -0.70 1.73 -17.37
N ASP A 106 -1.76 1.22 -16.70
CA ASP A 106 -1.88 -0.20 -16.39
C ASP A 106 -0.96 -0.68 -15.28
N LYS A 107 0.13 0.05 -14.90
CA LYS A 107 1.00 -0.41 -13.83
C LYS A 107 0.44 0.13 -12.54
N LEU A 108 1.07 -0.12 -11.36
CA LEU A 108 0.50 0.32 -10.09
C LEU A 108 1.59 1.04 -9.32
N VAL A 109 1.26 2.13 -8.59
CA VAL A 109 2.24 2.82 -7.76
C VAL A 109 1.62 3.15 -6.43
N GLU A 110 2.44 3.52 -5.42
CA GLU A 110 1.91 3.86 -4.10
C GLU A 110 2.67 5.07 -3.61
N VAL A 111 2.33 6.27 -4.13
CA VAL A 111 3.02 7.49 -3.71
C VAL A 111 2.51 7.82 -2.33
N SER A 112 3.34 8.36 -1.40
CA SER A 112 2.82 8.68 -0.08
C SER A 112 3.57 9.80 0.58
N THR A 113 3.04 10.31 1.71
CA THR A 113 3.70 11.39 2.44
C THR A 113 3.61 11.08 3.91
N ILE A 114 4.66 11.42 4.72
CA ILE A 114 4.62 11.12 6.14
C ILE A 114 5.40 12.19 6.86
N GLY A 115 4.78 13.39 7.04
CA GLY A 115 5.50 14.50 7.67
C GLY A 115 6.49 15.02 6.67
N GLY A 116 7.74 15.35 7.06
CA GLY A 116 8.69 15.87 6.10
C GLY A 116 9.09 14.82 5.10
N VAL A 117 9.20 13.52 5.51
CA VAL A 117 9.67 12.51 4.58
C VAL A 117 8.58 12.18 3.60
N THR A 118 8.95 11.84 2.34
CA THR A 118 7.97 11.49 1.32
C THR A 118 8.55 10.35 0.51
N TYR A 119 7.75 9.43 -0.07
CA TYR A 119 8.36 8.30 -0.77
C TYR A 119 7.40 7.66 -1.76
N GLU A 120 7.84 6.57 -2.44
CA GLU A 120 6.96 5.91 -3.38
C GLU A 120 7.40 4.48 -3.60
N ARG A 121 6.45 3.57 -3.94
CA ARG A 121 6.81 2.23 -4.38
C ARG A 121 6.26 2.03 -5.77
N VAL A 122 6.85 1.12 -6.58
CA VAL A 122 6.38 0.92 -7.95
C VAL A 122 6.08 -0.55 -8.12
N SER A 123 5.09 -0.92 -8.95
CA SER A 123 4.73 -2.32 -9.07
C SER A 123 4.09 -2.59 -10.42
N LYS A 124 4.39 -3.73 -11.08
CA LYS A 124 3.81 -4.00 -12.39
C LYS A 124 2.50 -4.71 -12.20
N ARG A 125 1.62 -4.77 -13.23
CA ARG A 125 0.35 -5.47 -13.12
C ARG A 125 0.44 -6.73 -13.93
N LEU A 126 0.30 -7.93 -13.33
CA LEU A 126 0.43 -9.17 -14.10
C LEU A 126 -0.94 -9.49 -14.66
N ALA A 127 -1.96 -9.67 -13.78
CA ALA A 127 -3.32 -9.95 -14.25
C ALA A 127 -3.31 -10.99 -15.35
N ALA A 1 -9.44 0.78 -11.91
CA ALA A 1 -9.72 -0.64 -11.86
C ALA A 1 -9.30 -1.23 -10.53
N PHE A 2 -7.99 -1.14 -10.17
CA PHE A 2 -7.54 -1.68 -8.89
C PHE A 2 -7.98 -3.13 -8.78
N THR A 3 -7.66 -3.96 -9.78
CA THR A 3 -8.13 -5.34 -9.79
C THR A 3 -7.08 -6.24 -10.40
N GLY A 4 -7.04 -7.53 -10.02
CA GLY A 4 -6.10 -8.45 -10.64
C GLY A 4 -4.80 -8.45 -9.87
N LYS A 5 -3.70 -8.92 -10.48
CA LYS A 5 -2.44 -9.09 -9.75
C LYS A 5 -1.44 -8.05 -10.20
N PHE A 6 -0.48 -7.67 -9.30
CA PHE A 6 0.51 -6.65 -9.61
C PHE A 6 1.85 -7.13 -9.14
N GLU A 7 2.98 -6.48 -9.54
CA GLU A 7 4.31 -6.97 -9.16
C GLU A 7 5.14 -5.79 -8.69
N MET A 8 5.35 -5.63 -7.37
CA MET A 8 6.05 -4.46 -6.84
C MET A 8 7.54 -4.70 -6.83
N GLU A 9 8.38 -3.72 -7.23
CA GLU A 9 9.81 -4.01 -7.44
C GLU A 9 10.69 -2.82 -7.07
N SER A 10 10.50 -1.63 -7.70
CA SER A 10 11.36 -0.49 -7.37
C SER A 10 10.68 0.36 -6.31
N GLU A 11 11.44 0.96 -5.38
CA GLU A 11 10.86 1.81 -4.36
C GLU A 11 11.83 2.92 -4.00
N LYS A 12 11.35 4.08 -3.48
CA LYS A 12 12.23 5.20 -3.16
C LYS A 12 12.26 5.32 -1.64
N ASN A 13 13.35 5.82 -1.01
CA ASN A 13 13.41 5.99 0.45
C ASN A 13 12.60 4.95 1.20
N TYR A 14 12.73 3.66 0.82
CA TYR A 14 11.90 2.63 1.43
C TYR A 14 12.24 2.44 2.88
N ASP A 15 13.52 2.16 3.22
CA ASP A 15 13.85 1.86 4.61
C ASP A 15 13.44 2.98 5.53
N GLU A 16 13.74 4.26 5.18
CA GLU A 16 13.39 5.34 6.09
C GLU A 16 11.87 5.42 6.20
N PHE A 17 11.16 5.48 5.05
CA PHE A 17 9.71 5.58 5.09
C PHE A 17 9.10 4.52 5.96
N MET A 18 9.52 3.24 5.78
CA MET A 18 8.94 2.15 6.55
C MET A 18 9.35 2.26 7.99
N LYS A 19 10.63 2.56 8.29
CA LYS A 19 11.04 2.63 9.68
C LYS A 19 10.21 3.67 10.40
N LEU A 20 9.93 4.83 9.76
CA LEU A 20 9.07 5.83 10.38
C LEU A 20 7.68 5.25 10.54
N LEU A 21 7.13 4.57 9.51
CA LEU A 21 5.81 3.98 9.64
C LEU A 21 5.76 3.09 10.86
N GLY A 22 6.89 2.43 11.24
CA GLY A 22 6.92 1.63 12.45
C GLY A 22 6.98 0.20 12.02
N ILE A 23 8.15 -0.24 11.51
CA ILE A 23 8.28 -1.57 10.91
C ILE A 23 9.62 -2.14 11.36
N SER A 24 9.75 -3.48 11.53
CA SER A 24 10.99 -4.03 12.05
C SER A 24 12.12 -3.92 11.07
N SER A 25 13.39 -4.02 11.54
CA SER A 25 14.53 -3.91 10.62
C SER A 25 14.63 -5.15 9.77
N ASP A 26 14.58 -6.36 10.36
CA ASP A 26 14.75 -7.57 9.56
C ASP A 26 13.77 -7.60 8.42
N VAL A 27 12.47 -7.25 8.65
CA VAL A 27 11.51 -7.32 7.56
C VAL A 27 11.82 -6.23 6.56
N ILE A 28 12.33 -5.04 6.97
CA ILE A 28 12.72 -4.05 5.97
C ILE A 28 13.75 -4.67 5.04
N GLU A 29 14.83 -5.26 5.58
CA GLU A 29 15.87 -5.82 4.71
C GLU A 29 15.26 -6.87 3.79
N LYS A 30 14.55 -7.85 4.38
CA LYS A 30 14.04 -8.95 3.57
C LYS A 30 13.04 -8.44 2.55
N ALA A 31 12.17 -7.48 2.95
CA ALA A 31 11.16 -6.96 2.03
C ALA A 31 11.82 -6.27 0.87
N ARG A 32 12.84 -5.41 1.09
CA ARG A 32 13.50 -4.74 -0.03
C ARG A 32 14.14 -5.80 -0.90
N ASN A 33 14.94 -6.71 -0.30
CA ASN A 33 15.63 -7.72 -1.10
C ASN A 33 14.64 -8.49 -1.94
N PHE A 34 13.49 -8.87 -1.35
CA PHE A 34 12.48 -9.66 -2.07
C PHE A 34 11.69 -8.76 -3.00
N LYS A 35 11.25 -9.24 -4.19
CA LYS A 35 10.39 -8.42 -5.02
C LYS A 35 9.02 -8.48 -4.38
N ILE A 36 8.48 -7.36 -3.85
CA ILE A 36 7.20 -7.44 -3.16
C ILE A 36 6.17 -7.77 -4.23
N VAL A 37 5.14 -8.59 -3.92
CA VAL A 37 4.07 -8.87 -4.89
C VAL A 37 2.80 -8.33 -4.29
N THR A 38 1.85 -7.83 -5.11
CA THR A 38 0.65 -7.20 -4.56
C THR A 38 -0.54 -7.73 -5.34
N GLU A 39 -1.75 -7.78 -4.73
CA GLU A 39 -2.90 -8.32 -5.45
C GLU A 39 -4.16 -7.66 -4.94
N VAL A 40 -5.18 -7.42 -5.80
CA VAL A 40 -6.35 -6.66 -5.37
C VAL A 40 -7.60 -7.19 -6.02
N GLN A 41 -8.78 -7.08 -5.35
CA GLN A 41 -10.05 -7.42 -5.98
C GLN A 41 -11.02 -6.30 -5.68
N GLN A 42 -11.07 -5.24 -6.52
CA GLN A 42 -12.01 -4.15 -6.27
C GLN A 42 -13.43 -4.69 -6.20
N ASP A 43 -14.32 -4.01 -5.45
CA ASP A 43 -15.69 -4.48 -5.26
C ASP A 43 -16.59 -3.28 -5.05
N GLY A 44 -17.94 -3.43 -4.98
CA GLY A 44 -18.81 -2.26 -4.85
C GLY A 44 -18.35 -1.32 -3.76
N GLN A 45 -17.67 -0.20 -4.10
CA GLN A 45 -17.18 0.73 -3.09
C GLN A 45 -16.47 -0.03 -1.99
N ASP A 46 -15.67 -1.05 -2.38
CA ASP A 46 -15.05 -1.91 -1.39
C ASP A 46 -13.90 -2.65 -2.02
N PHE A 47 -12.95 -3.22 -1.24
CA PHE A 47 -11.76 -3.82 -1.83
C PHE A 47 -11.25 -4.94 -0.96
N THR A 48 -10.45 -5.87 -1.54
CA THR A 48 -9.72 -6.85 -0.74
C THR A 48 -8.28 -6.72 -1.19
N TRP A 49 -7.54 -5.75 -0.60
CA TRP A 49 -6.16 -5.52 -1.02
C TRP A 49 -5.28 -6.54 -0.37
N SER A 50 -4.06 -6.81 -0.90
CA SER A 50 -3.16 -7.71 -0.19
C SER A 50 -1.71 -7.43 -0.53
N GLN A 51 -0.78 -7.71 0.41
CA GLN A 51 0.65 -7.57 0.12
C GLN A 51 1.26 -8.94 0.28
N HIS A 52 2.44 -9.19 -0.35
CA HIS A 52 3.11 -10.49 -0.23
C HIS A 52 4.59 -10.17 -0.17
N TYR A 53 5.36 -10.62 0.84
CA TYR A 53 6.68 -10.03 1.04
C TYR A 53 7.59 -10.86 1.92
N SER A 54 8.92 -10.64 1.85
CA SER A 54 9.87 -11.39 2.69
C SER A 54 9.58 -12.86 2.53
N GLY A 55 9.86 -13.45 1.35
CA GLY A 55 9.48 -14.84 1.14
C GLY A 55 7.98 -14.94 0.98
N GLY A 56 7.31 -13.93 0.37
CA GLY A 56 5.88 -14.05 0.14
C GLY A 56 5.05 -14.15 1.40
N HIS A 57 5.56 -13.81 2.61
CA HIS A 57 4.69 -13.83 3.78
C HIS A 57 3.61 -12.80 3.54
N THR A 58 2.35 -13.05 3.98
CA THR A 58 1.22 -12.28 3.45
C THR A 58 0.50 -11.51 4.53
N MET A 59 -0.18 -10.40 4.15
CA MET A 59 -1.07 -9.71 5.07
C MET A 59 -2.22 -9.19 4.24
N THR A 60 -3.42 -9.84 4.28
CA THR A 60 -4.54 -9.36 3.49
C THR A 60 -5.24 -8.27 4.27
N ASN A 61 -5.79 -7.24 3.59
CA ASN A 61 -6.60 -6.23 4.28
C ASN A 61 -7.83 -5.95 3.44
N LYS A 62 -8.90 -5.38 4.03
CA LYS A 62 -10.10 -5.04 3.27
C LYS A 62 -10.72 -3.78 3.83
N PHE A 63 -11.66 -3.14 3.11
CA PHE A 63 -12.26 -1.91 3.62
C PHE A 63 -13.39 -1.46 2.73
N THR A 64 -14.38 -0.71 3.28
CA THR A 64 -15.46 -0.16 2.47
C THR A 64 -15.14 1.31 2.33
N VAL A 65 -14.90 1.85 1.12
CA VAL A 65 -14.48 3.24 1.02
C VAL A 65 -15.58 4.14 1.50
N GLY A 66 -15.24 5.37 1.95
CA GLY A 66 -16.25 6.23 2.56
C GLY A 66 -16.56 5.82 3.98
N LYS A 67 -15.92 4.77 4.56
CA LYS A 67 -16.23 4.37 5.94
C LYS A 67 -14.95 4.01 6.65
N GLU A 68 -14.99 3.86 8.00
CA GLU A 68 -13.78 3.53 8.74
C GLU A 68 -13.50 2.05 8.61
N SER A 69 -12.22 1.62 8.63
CA SER A 69 -11.90 0.19 8.66
C SER A 69 -10.63 -0.04 9.46
N ASN A 70 -10.35 -1.29 9.89
CA ASN A 70 -9.11 -1.56 10.62
C ASN A 70 -8.01 -1.76 9.60
N ILE A 71 -6.89 -1.01 9.70
CA ILE A 71 -5.75 -1.20 8.80
C ILE A 71 -4.60 -1.69 9.64
N GLN A 72 -3.64 -2.46 9.09
CA GLN A 72 -2.47 -2.89 9.87
C GLN A 72 -1.22 -2.73 9.05
N THR A 73 -0.02 -2.79 9.68
CA THR A 73 1.22 -2.65 8.92
C THR A 73 2.18 -3.72 9.36
N MET A 74 1.71 -4.99 9.36
CA MET A 74 2.52 -6.11 9.87
C MET A 74 2.90 -5.88 11.31
N GLY A 75 3.56 -6.86 11.99
CA GLY A 75 3.98 -6.64 13.36
C GLY A 75 4.83 -5.39 13.41
N GLY A 76 4.36 -4.30 14.06
CA GLY A 76 5.13 -3.06 14.06
C GLY A 76 4.26 -1.88 14.45
N LYS A 77 3.11 -1.71 13.76
CA LYS A 77 2.19 -0.63 14.10
C LYS A 77 0.82 -0.92 13.53
N THR A 78 -0.29 -0.46 14.18
CA THR A 78 -1.63 -0.76 13.68
C THR A 78 -2.57 0.37 14.00
N PHE A 79 -3.63 0.60 13.18
CA PHE A 79 -4.53 1.73 13.44
C PHE A 79 -5.77 1.64 12.59
N LYS A 80 -6.82 2.42 12.91
CA LYS A 80 -7.99 2.48 12.05
C LYS A 80 -7.82 3.65 11.10
N ALA A 81 -8.58 3.69 9.98
CA ALA A 81 -8.42 4.79 9.04
C ALA A 81 -9.63 4.93 8.16
N THR A 82 -9.79 6.06 7.43
CA THR A 82 -10.91 6.17 6.49
C THR A 82 -10.32 6.08 5.10
N VAL A 83 -10.73 5.08 4.28
CA VAL A 83 -10.20 4.99 2.92
C VAL A 83 -11.22 5.68 2.03
N GLN A 84 -10.80 6.48 1.03
CA GLN A 84 -11.73 7.13 0.11
C GLN A 84 -11.37 6.69 -1.28
N MET A 85 -12.25 6.87 -2.29
CA MET A 85 -11.86 6.63 -3.68
C MET A 85 -12.03 7.93 -4.42
N GLU A 86 -10.93 8.67 -4.73
CA GLU A 86 -11.08 9.92 -5.46
C GLU A 86 -11.06 9.59 -6.93
N GLY A 87 -12.12 8.91 -7.43
CA GLY A 87 -12.20 8.58 -8.85
C GLY A 87 -10.96 7.86 -9.31
N GLY A 88 -10.14 8.46 -10.19
CA GLY A 88 -8.97 7.75 -10.72
C GLY A 88 -8.08 7.22 -9.62
N LYS A 89 -7.86 8.01 -8.54
CA LYS A 89 -6.95 7.55 -7.48
C LYS A 89 -7.73 6.80 -6.42
N LEU A 90 -7.04 5.95 -5.63
CA LEU A 90 -7.64 5.30 -4.47
C LEU A 90 -6.87 5.86 -3.29
N VAL A 91 -7.53 6.35 -2.22
CA VAL A 91 -6.86 7.28 -1.29
C VAL A 91 -7.13 6.92 0.15
N VAL A 92 -6.27 7.37 1.10
CA VAL A 92 -6.52 7.12 2.52
C VAL A 92 -5.91 8.22 3.35
N ASN A 93 -6.39 8.45 4.59
CA ASN A 93 -5.74 9.42 5.47
C ASN A 93 -5.53 8.83 6.84
N PHE A 94 -4.52 9.36 7.59
CA PHE A 94 -4.21 8.86 8.93
C PHE A 94 -3.75 10.03 9.78
N PRO A 95 -3.64 10.01 11.14
CA PRO A 95 -3.09 11.17 11.83
C PRO A 95 -1.70 11.51 11.38
N ASN A 96 -1.43 12.77 10.94
CA ASN A 96 -0.08 13.16 10.53
C ASN A 96 0.56 12.13 9.62
N TYR A 97 -0.20 11.60 8.64
CA TYR A 97 0.33 10.56 7.75
C TYR A 97 -0.71 10.33 6.68
N HIS A 98 -0.35 10.16 5.38
CA HIS A 98 -1.37 10.04 4.33
C HIS A 98 -0.82 9.25 3.17
N GLN A 99 -1.67 8.55 2.38
CA GLN A 99 -1.17 7.84 1.19
C GLN A 99 -2.16 7.98 0.07
N THR A 100 -1.68 8.04 -1.21
CA THR A 100 -2.57 7.97 -2.36
C THR A 100 -2.09 6.82 -3.21
N SER A 101 -2.95 6.24 -4.08
CA SER A 101 -2.51 5.18 -4.98
C SER A 101 -3.19 5.37 -6.31
N GLU A 102 -2.62 4.87 -7.42
CA GLU A 102 -3.18 5.18 -8.73
C GLU A 102 -2.74 4.18 -9.77
N ILE A 103 -3.58 3.91 -10.80
CA ILE A 103 -3.16 3.04 -11.89
C ILE A 103 -2.51 3.93 -12.90
N VAL A 104 -1.17 3.85 -13.12
CA VAL A 104 -0.49 4.80 -14.00
C VAL A 104 -0.17 4.10 -15.31
N GLY A 105 -1.15 4.02 -16.24
CA GLY A 105 -0.86 3.46 -17.56
C GLY A 105 -0.48 2.00 -17.44
N ASP A 106 -1.42 1.15 -16.94
CA ASP A 106 -1.11 -0.27 -16.74
C ASP A 106 0.03 -0.46 -15.77
N LYS A 107 0.12 0.39 -14.72
CA LYS A 107 1.10 0.19 -13.64
C LYS A 107 0.35 0.42 -12.35
N LEU A 108 1.02 0.42 -11.18
CA LEU A 108 0.33 0.71 -9.92
C LEU A 108 1.35 1.39 -9.03
N VAL A 109 0.99 2.49 -8.33
CA VAL A 109 1.95 3.18 -7.48
C VAL A 109 1.32 3.49 -6.14
N GLU A 110 2.14 3.87 -5.13
CA GLU A 110 1.62 4.19 -3.80
C GLU A 110 2.40 5.38 -3.28
N VAL A 111 2.05 6.62 -3.72
CA VAL A 111 2.80 7.80 -3.29
C VAL A 111 2.36 8.13 -1.88
N SER A 112 3.26 8.59 -0.97
CA SER A 112 2.82 8.88 0.39
C SER A 112 3.71 9.88 1.09
N THR A 113 3.21 10.53 2.17
CA THR A 113 4.00 11.47 2.94
C THR A 113 3.92 11.08 4.40
N ILE A 114 5.01 11.24 5.19
CA ILE A 114 4.98 10.84 6.59
C ILE A 114 6.05 11.58 7.35
N GLY A 115 5.84 11.97 8.64
CA GLY A 115 6.88 12.67 9.37
C GLY A 115 7.43 13.81 8.54
N GLY A 116 8.75 13.89 8.29
CA GLY A 116 9.31 14.91 7.40
C GLY A 116 9.95 14.21 6.22
N VAL A 117 9.24 13.24 5.60
CA VAL A 117 9.80 12.45 4.50
C VAL A 117 8.71 12.17 3.51
N THR A 118 9.04 12.01 2.20
CA THR A 118 8.04 11.64 1.20
C THR A 118 8.60 10.49 0.41
N TYR A 119 7.76 9.57 -0.12
CA TYR A 119 8.31 8.42 -0.84
C TYR A 119 7.30 7.84 -1.79
N GLU A 120 7.63 6.69 -2.43
CA GLU A 120 6.69 6.08 -3.36
C GLU A 120 7.10 4.65 -3.61
N ARG A 121 6.13 3.72 -3.83
CA ARG A 121 6.47 2.39 -4.31
C ARG A 121 5.94 2.29 -5.72
N VAL A 122 6.56 1.46 -6.59
CA VAL A 122 6.12 1.38 -7.99
C VAL A 122 5.89 -0.07 -8.31
N SER A 123 4.90 -0.39 -9.18
CA SER A 123 4.59 -1.79 -9.43
C SER A 123 4.00 -1.98 -10.80
N LYS A 124 4.19 -3.15 -11.45
CA LYS A 124 3.66 -3.35 -12.79
C LYS A 124 2.29 -3.97 -12.65
N ARG A 125 1.41 -3.84 -13.67
CA ARG A 125 0.09 -4.47 -13.61
C ARG A 125 0.15 -5.72 -14.45
N LEU A 126 -0.12 -6.91 -13.87
CA LEU A 126 -0.12 -8.14 -14.66
C LEU A 126 -1.49 -8.28 -15.27
N ALA A 127 -2.56 -8.16 -14.45
CA ALA A 127 -3.92 -8.28 -14.98
C ALA A 127 -4.89 -7.54 -14.10
N ALA A 1 -8.77 -1.29 -12.83
CA ALA A 1 -9.55 -0.64 -11.79
C ALA A 1 -9.14 -1.22 -10.47
N PHE A 2 -7.84 -1.09 -10.10
CA PHE A 2 -7.36 -1.61 -8.83
C PHE A 2 -7.82 -3.05 -8.69
N THR A 3 -7.42 -3.92 -9.64
CA THR A 3 -7.89 -5.30 -9.63
C THR A 3 -6.84 -6.20 -10.23
N GLY A 4 -6.81 -7.50 -9.85
CA GLY A 4 -5.87 -8.43 -10.46
C GLY A 4 -4.58 -8.49 -9.68
N LYS A 5 -3.56 -9.19 -10.23
CA LYS A 5 -2.30 -9.38 -9.51
C LYS A 5 -1.29 -8.35 -9.96
N PHE A 6 -0.32 -7.98 -9.10
CA PHE A 6 0.73 -7.03 -9.48
C PHE A 6 2.04 -7.45 -8.86
N GLU A 7 3.22 -7.04 -9.39
CA GLU A 7 4.51 -7.44 -8.82
C GLU A 7 5.26 -6.19 -8.41
N MET A 8 5.54 -5.98 -7.11
CA MET A 8 6.15 -4.72 -6.66
C MET A 8 7.64 -4.90 -6.57
N GLU A 9 8.46 -3.96 -7.12
CA GLU A 9 9.90 -4.19 -7.22
C GLU A 9 10.69 -2.91 -6.99
N SER A 10 10.50 -1.85 -7.81
CA SER A 10 11.30 -0.64 -7.64
C SER A 10 10.72 0.22 -6.56
N GLU A 11 11.57 0.87 -5.72
CA GLU A 11 11.06 1.67 -4.61
C GLU A 11 12.00 2.83 -4.37
N LYS A 12 11.61 3.86 -3.57
CA LYS A 12 12.47 5.01 -3.36
C LYS A 12 12.43 5.41 -1.90
N ASN A 13 13.58 5.58 -1.20
CA ASN A 13 13.54 5.84 0.24
C ASN A 13 12.65 4.85 0.96
N TYR A 14 12.74 3.56 0.59
CA TYR A 14 11.93 2.54 1.26
C TYR A 14 12.36 2.41 2.70
N ASP A 15 13.67 2.23 2.98
CA ASP A 15 14.09 2.00 4.35
C ASP A 15 13.70 3.15 5.25
N GLU A 16 13.97 4.41 4.84
CA GLU A 16 13.61 5.53 5.70
C GLU A 16 12.10 5.53 5.85
N PHE A 17 11.36 5.50 4.73
CA PHE A 17 9.90 5.57 4.82
C PHE A 17 9.35 4.54 5.79
N MET A 18 9.76 3.26 5.67
CA MET A 18 9.21 2.24 6.55
C MET A 18 9.65 2.49 7.97
N LYS A 19 10.90 2.95 8.20
CA LYS A 19 11.30 3.24 9.58
C LYS A 19 10.39 4.31 10.15
N LEU A 20 10.07 5.37 9.36
CA LEU A 20 9.17 6.42 9.87
C LEU A 20 7.81 5.81 10.12
N LEU A 21 7.30 4.97 9.19
CA LEU A 21 6.00 4.33 9.42
C LEU A 21 6.06 3.66 10.77
N GLY A 22 7.13 2.89 11.07
CA GLY A 22 7.27 2.24 12.37
C GLY A 22 7.30 0.76 12.12
N ILE A 23 8.45 0.22 11.63
CA ILE A 23 8.52 -1.17 11.21
C ILE A 23 9.81 -1.77 11.71
N SER A 24 9.87 -3.09 12.02
CA SER A 24 11.10 -3.65 12.60
C SER A 24 12.19 -3.73 11.58
N SER A 25 13.46 -3.41 11.95
CA SER A 25 14.53 -3.37 10.95
C SER A 25 14.64 -4.67 10.20
N ASP A 26 14.61 -5.83 10.89
CA ASP A 26 14.79 -7.09 10.18
C ASP A 26 13.80 -7.20 9.04
N VAL A 27 12.51 -6.89 9.26
CA VAL A 27 11.54 -7.05 8.17
C VAL A 27 11.72 -5.96 7.14
N ILE A 28 12.25 -4.76 7.49
CA ILE A 28 12.50 -3.75 6.47
C ILE A 28 13.44 -4.36 5.45
N GLU A 29 14.63 -4.86 5.89
CA GLU A 29 15.60 -5.34 4.91
C GLU A 29 15.07 -6.56 4.20
N LYS A 30 14.54 -7.56 4.94
CA LYS A 30 14.04 -8.77 4.28
C LYS A 30 13.03 -8.37 3.22
N ALA A 31 12.15 -7.41 3.56
CA ALA A 31 11.16 -6.96 2.57
C ALA A 31 11.83 -6.36 1.36
N ARG A 32 12.85 -5.48 1.52
CA ARG A 32 13.47 -4.88 0.34
C ARG A 32 14.04 -5.98 -0.53
N ASN A 33 14.88 -6.88 0.03
CA ASN A 33 15.48 -7.92 -0.80
C ASN A 33 14.39 -8.72 -1.49
N PHE A 34 13.34 -9.11 -0.75
CA PHE A 34 12.26 -9.88 -1.36
C PHE A 34 11.50 -9.02 -2.34
N LYS A 35 11.01 -9.56 -3.48
CA LYS A 35 10.18 -8.75 -4.37
C LYS A 35 8.81 -8.73 -3.75
N ILE A 36 8.32 -7.59 -3.22
CA ILE A 36 6.99 -7.59 -2.63
C ILE A 36 6.03 -7.93 -3.75
N VAL A 37 4.95 -8.70 -3.47
CA VAL A 37 3.94 -8.96 -4.51
C VAL A 37 2.66 -8.37 -3.97
N THR A 38 1.80 -7.78 -4.84
CA THR A 38 0.57 -7.15 -4.36
C THR A 38 -0.56 -7.66 -5.20
N GLU A 39 -1.79 -7.75 -4.65
CA GLU A 39 -2.92 -8.26 -5.43
C GLU A 39 -4.18 -7.64 -4.90
N VAL A 40 -5.20 -7.38 -5.78
CA VAL A 40 -6.37 -6.64 -5.33
C VAL A 40 -7.60 -7.17 -6.03
N GLN A 41 -8.79 -7.06 -5.41
CA GLN A 41 -10.04 -7.39 -6.11
C GLN A 41 -11.02 -6.28 -5.80
N GLN A 42 -11.04 -5.18 -6.60
CA GLN A 42 -11.97 -4.11 -6.29
C GLN A 42 -13.40 -4.61 -6.38
N ASP A 43 -14.29 -4.08 -5.51
CA ASP A 43 -15.72 -4.41 -5.54
C ASP A 43 -16.48 -3.10 -5.44
N GLY A 44 -17.83 -3.07 -5.59
CA GLY A 44 -18.56 -1.81 -5.58
C GLY A 44 -18.17 -0.91 -4.42
N GLN A 45 -17.36 0.15 -4.66
CA GLN A 45 -16.98 1.08 -3.59
C GLN A 45 -16.44 0.30 -2.41
N ASP A 46 -15.67 -0.76 -2.71
CA ASP A 46 -15.18 -1.65 -1.65
C ASP A 46 -14.01 -2.41 -2.18
N PHE A 47 -13.14 -3.00 -1.34
CA PHE A 47 -11.91 -3.59 -1.86
C PHE A 47 -11.44 -4.75 -1.02
N THR A 48 -10.62 -5.66 -1.60
CA THR A 48 -10.00 -6.73 -0.81
C THR A 48 -8.54 -6.70 -1.20
N TRP A 49 -7.73 -5.86 -0.53
CA TRP A 49 -6.33 -5.70 -0.91
C TRP A 49 -5.57 -6.93 -0.46
N SER A 50 -4.35 -7.18 -1.00
CA SER A 50 -3.54 -8.27 -0.48
C SER A 50 -2.07 -7.95 -0.61
N GLN A 51 -1.22 -8.52 0.28
CA GLN A 51 0.21 -8.20 0.27
C GLN A 51 0.98 -9.48 0.48
N HIS A 52 2.28 -9.51 0.09
CA HIS A 52 3.11 -10.69 0.31
C HIS A 52 4.52 -10.21 0.54
N TYR A 53 5.27 -10.67 1.56
CA TYR A 53 6.53 -9.99 1.89
C TYR A 53 7.46 -10.83 2.73
N SER A 54 8.79 -10.54 2.69
CA SER A 54 9.76 -11.26 3.53
C SER A 54 9.52 -12.74 3.41
N GLY A 55 9.96 -13.39 2.32
CA GLY A 55 9.59 -14.79 2.13
C GLY A 55 8.14 -14.91 1.73
N GLY A 56 7.54 -13.84 1.13
CA GLY A 56 6.16 -13.95 0.67
C GLY A 56 5.18 -14.30 1.78
N HIS A 57 5.46 -13.97 3.06
CA HIS A 57 4.47 -14.24 4.10
C HIS A 57 3.27 -13.38 3.76
N THR A 58 2.02 -13.87 3.89
CA THR A 58 0.88 -13.11 3.39
C THR A 58 0.29 -12.23 4.46
N MET A 59 -0.21 -11.03 4.06
CA MET A 59 -1.03 -10.20 4.94
C MET A 59 -2.17 -9.69 4.08
N THR A 60 -3.36 -9.41 4.65
CA THR A 60 -4.50 -9.02 3.82
C THR A 60 -5.28 -7.93 4.51
N ASN A 61 -5.96 -7.04 3.74
CA ASN A 61 -6.81 -6.03 4.35
C ASN A 61 -8.01 -5.78 3.46
N LYS A 62 -9.10 -5.21 4.01
CA LYS A 62 -10.25 -4.85 3.18
C LYS A 62 -10.80 -3.55 3.68
N PHE A 63 -11.71 -2.88 2.93
CA PHE A 63 -12.27 -1.62 3.41
C PHE A 63 -13.40 -1.17 2.51
N THR A 64 -14.37 -0.40 3.06
CA THR A 64 -15.42 0.19 2.24
C THR A 64 -15.04 1.65 2.12
N VAL A 65 -14.75 2.18 0.90
CA VAL A 65 -14.26 3.55 0.83
C VAL A 65 -15.32 4.47 1.40
N GLY A 66 -14.93 5.60 2.02
CA GLY A 66 -15.90 6.45 2.71
C GLY A 66 -15.98 6.06 4.16
N LYS A 67 -16.18 4.76 4.47
CA LYS A 67 -16.31 4.34 5.88
C LYS A 67 -14.93 4.12 6.45
N GLU A 68 -14.79 4.17 7.80
CA GLU A 68 -13.49 3.91 8.41
C GLU A 68 -13.25 2.41 8.43
N SER A 69 -11.97 1.96 8.38
CA SER A 69 -11.69 0.52 8.43
C SER A 69 -10.46 0.28 9.27
N ASN A 70 -10.31 -0.91 9.90
CA ASN A 70 -9.11 -1.18 10.68
C ASN A 70 -8.00 -1.51 9.74
N ILE A 71 -6.82 -0.85 9.83
CA ILE A 71 -5.71 -1.14 8.93
C ILE A 71 -4.56 -1.68 9.75
N GLN A 72 -3.67 -2.54 9.18
CA GLN A 72 -2.50 -3.01 9.91
C GLN A 72 -1.29 -2.93 9.01
N THR A 73 -0.05 -3.06 9.56
CA THR A 73 1.15 -2.96 8.74
C THR A 73 2.01 -4.17 8.98
N MET A 74 1.43 -5.39 8.85
CA MET A 74 2.15 -6.61 9.24
C MET A 74 2.49 -6.53 10.71
N GLY A 75 3.10 -7.57 11.32
CA GLY A 75 3.52 -7.45 12.71
C GLY A 75 4.44 -6.26 12.82
N GLY A 76 4.00 -5.14 13.44
CA GLY A 76 4.86 -3.95 13.49
C GLY A 76 4.11 -2.74 14.02
N LYS A 77 2.94 -2.40 13.42
CA LYS A 77 2.20 -1.22 13.84
C LYS A 77 0.76 -1.32 13.37
N THR A 78 -0.21 -0.66 14.05
CA THR A 78 -1.61 -0.81 13.66
C THR A 78 -2.40 0.45 13.97
N PHE A 79 -3.47 0.73 13.18
CA PHE A 79 -4.28 1.93 13.43
C PHE A 79 -5.54 1.89 12.61
N LYS A 80 -6.53 2.76 12.93
CA LYS A 80 -7.72 2.87 12.08
C LYS A 80 -7.48 3.98 11.09
N ALA A 81 -8.14 3.95 9.92
CA ALA A 81 -7.97 5.02 8.94
C ALA A 81 -9.06 4.93 7.90
N THR A 82 -9.34 6.03 7.14
CA THR A 82 -10.46 6.01 6.19
C THR A 82 -9.90 6.02 4.79
N VAL A 83 -10.39 5.11 3.90
CA VAL A 83 -9.89 5.06 2.53
C VAL A 83 -10.92 5.81 1.70
N GLN A 84 -10.50 6.49 0.62
CA GLN A 84 -11.41 7.33 -0.16
C GLN A 84 -11.16 7.05 -1.63
N MET A 85 -12.07 7.43 -2.55
CA MET A 85 -11.79 7.21 -3.98
C MET A 85 -12.11 8.48 -4.75
N GLU A 86 -11.09 9.23 -5.22
CA GLU A 86 -11.34 10.42 -6.03
C GLU A 86 -11.23 9.98 -7.47
N GLY A 87 -12.22 9.20 -7.96
CA GLY A 87 -12.20 8.77 -9.35
C GLY A 87 -10.95 7.96 -9.64
N GLY A 88 -10.16 8.31 -10.67
CA GLY A 88 -9.00 7.48 -11.02
C GLY A 88 -8.09 7.19 -9.86
N LYS A 89 -7.92 8.13 -8.90
CA LYS A 89 -7.02 7.87 -7.78
C LYS A 89 -7.78 7.16 -6.68
N LEU A 90 -7.05 6.44 -5.79
CA LEU A 90 -7.67 5.76 -4.66
C LEU A 90 -7.04 6.41 -3.45
N VAL A 91 -7.65 7.52 -2.96
CA VAL A 91 -7.00 8.41 -2.00
C VAL A 91 -7.19 7.89 -0.60
N VAL A 92 -6.40 8.33 0.40
CA VAL A 92 -6.57 7.83 1.76
C VAL A 92 -5.92 8.77 2.75
N ASN A 93 -6.31 8.76 4.04
CA ASN A 93 -5.60 9.56 5.03
C ASN A 93 -5.49 8.78 6.33
N PHE A 94 -4.52 9.13 7.20
CA PHE A 94 -4.26 8.34 8.40
C PHE A 94 -3.96 9.26 9.57
N PRO A 95 -4.03 8.84 10.85
CA PRO A 95 -3.37 9.62 11.89
C PRO A 95 -1.96 9.97 11.47
N ASN A 96 -1.65 11.27 11.24
CA ASN A 96 -0.27 11.70 10.99
C ASN A 96 0.34 11.26 9.67
N TYR A 97 -0.41 10.75 8.66
CA TYR A 97 0.21 10.50 7.35
C TYR A 97 -0.82 10.48 6.23
N HIS A 98 -0.39 10.52 4.94
CA HIS A 98 -1.34 10.53 3.83
C HIS A 98 -0.82 9.71 2.67
N GLN A 99 -1.68 9.25 1.73
CA GLN A 99 -1.18 8.52 0.56
C GLN A 99 -2.16 8.58 -0.58
N THR A 100 -1.68 8.35 -1.84
CA THR A 100 -2.58 8.23 -2.98
C THR A 100 -2.16 7.00 -3.76
N SER A 101 -2.91 5.89 -3.73
CA SER A 101 -2.59 4.77 -4.61
C SER A 101 -3.22 5.10 -5.94
N GLU A 102 -2.52 4.86 -7.08
CA GLU A 102 -3.07 5.27 -8.37
C GLU A 102 -2.70 4.23 -9.42
N ILE A 103 -3.40 4.22 -10.57
CA ILE A 103 -3.02 3.33 -11.66
C ILE A 103 -2.30 4.20 -12.67
N VAL A 104 -1.06 3.83 -13.10
CA VAL A 104 -0.27 4.70 -13.97
C VAL A 104 0.17 3.88 -15.17
N GLY A 105 -0.66 3.78 -16.23
CA GLY A 105 -0.23 3.07 -17.43
C GLY A 105 -0.03 1.61 -17.12
N ASP A 106 -1.10 0.93 -16.66
CA ASP A 106 -0.98 -0.49 -16.31
C ASP A 106 0.07 -0.71 -15.25
N LYS A 107 0.14 0.20 -14.25
CA LYS A 107 1.01 -0.01 -13.08
C LYS A 107 0.17 0.22 -11.85
N LEU A 108 0.71 -0.05 -10.63
CA LEU A 108 -0.02 0.24 -9.41
C LEU A 108 0.98 0.91 -8.50
N VAL A 109 0.90 2.25 -8.31
CA VAL A 109 1.90 2.96 -7.50
C VAL A 109 1.31 3.25 -6.14
N GLU A 110 2.17 3.61 -5.16
CA GLU A 110 1.70 3.91 -3.81
C GLU A 110 2.52 5.08 -3.30
N VAL A 111 2.17 6.32 -3.72
CA VAL A 111 2.94 7.49 -3.30
C VAL A 111 2.48 7.87 -1.92
N SER A 112 3.24 7.53 -0.84
CA SER A 112 2.83 7.91 0.52
C SER A 112 3.64 9.10 0.99
N THR A 113 3.05 9.96 1.85
CA THR A 113 3.77 11.08 2.45
C THR A 113 3.73 10.92 3.95
N ILE A 114 4.80 11.27 4.70
CA ILE A 114 4.80 11.04 6.14
C ILE A 114 5.84 11.93 6.81
N GLY A 115 5.66 12.32 8.09
CA GLY A 115 6.69 13.09 8.77
C GLY A 115 7.04 14.30 7.95
N GLY A 116 8.25 14.37 7.35
CA GLY A 116 8.61 15.49 6.49
C GLY A 116 9.29 14.98 5.24
N VAL A 117 8.78 13.89 4.63
CA VAL A 117 9.38 13.33 3.43
C VAL A 117 8.29 12.75 2.54
N THR A 118 8.61 12.42 1.28
CA THR A 118 7.67 11.69 0.42
C THR A 118 8.37 10.48 -0.13
N TYR A 119 7.66 9.36 -0.37
CA TYR A 119 8.31 8.16 -0.89
C TYR A 119 7.35 7.48 -1.82
N GLU A 120 7.76 6.38 -2.49
CA GLU A 120 6.85 5.72 -3.41
C GLU A 120 7.29 4.30 -3.67
N ARG A 121 6.32 3.41 -4.00
CA ARG A 121 6.66 2.07 -4.49
C ARG A 121 5.99 1.92 -5.84
N VAL A 122 6.52 1.05 -6.73
CA VAL A 122 5.95 0.93 -8.07
C VAL A 122 5.73 -0.53 -8.36
N SER A 123 4.65 -0.90 -9.08
CA SER A 123 4.39 -2.31 -9.36
C SER A 123 3.79 -2.46 -10.73
N LYS A 124 3.96 -3.62 -11.40
CA LYS A 124 3.48 -3.79 -12.76
C LYS A 124 2.34 -4.78 -12.72
N ARG A 125 1.28 -4.63 -13.54
CA ARG A 125 0.12 -5.51 -13.43
C ARG A 125 0.40 -6.78 -14.18
N LEU A 126 0.23 -7.96 -13.55
CA LEU A 126 0.40 -9.22 -14.27
C LEU A 126 -0.94 -9.61 -14.86
N ALA A 127 -2.02 -9.61 -14.05
CA ALA A 127 -3.33 -10.00 -14.54
C ALA A 127 -4.40 -9.20 -13.84
N ALA A 1 -8.70 -1.47 -12.54
CA ALA A 1 -9.17 -0.51 -11.56
C ALA A 1 -8.89 -1.08 -10.18
N PHE A 2 -7.60 -1.18 -9.81
CA PHE A 2 -7.22 -1.74 -8.52
C PHE A 2 -7.73 -3.17 -8.44
N THR A 3 -7.46 -3.98 -9.50
CA THR A 3 -7.94 -5.35 -9.51
C THR A 3 -6.89 -6.22 -10.19
N GLY A 4 -6.77 -7.51 -9.82
CA GLY A 4 -5.82 -8.39 -10.51
C GLY A 4 -4.56 -8.54 -9.70
N LYS A 5 -3.52 -9.17 -10.28
CA LYS A 5 -2.27 -9.39 -9.56
C LYS A 5 -1.28 -8.31 -9.94
N PHE A 6 -0.31 -7.99 -9.04
CA PHE A 6 0.65 -6.92 -9.30
C PHE A 6 2.01 -7.33 -8.79
N GLU A 7 3.11 -6.64 -9.20
CA GLU A 7 4.45 -7.00 -8.75
C GLU A 7 5.13 -5.76 -8.20
N MET A 8 5.02 -5.49 -6.89
CA MET A 8 5.67 -4.31 -6.31
C MET A 8 7.17 -4.51 -6.34
N GLU A 9 8.00 -3.49 -6.64
CA GLU A 9 9.44 -3.76 -6.80
C GLU A 9 10.33 -2.54 -6.62
N SER A 10 10.11 -1.40 -7.32
CA SER A 10 11.00 -0.25 -7.14
C SER A 10 10.54 0.52 -5.94
N GLU A 11 11.44 1.13 -5.14
CA GLU A 11 11.01 1.85 -3.95
C GLU A 11 11.90 3.05 -3.66
N LYS A 12 11.35 4.15 -3.10
CA LYS A 12 12.15 5.35 -2.81
C LYS A 12 12.07 5.59 -1.32
N ASN A 13 13.12 6.15 -0.68
CA ASN A 13 13.05 6.44 0.77
C ASN A 13 12.44 5.31 1.56
N TYR A 14 12.69 4.04 1.18
CA TYR A 14 11.95 2.94 1.81
C TYR A 14 12.27 2.82 3.27
N ASP A 15 13.53 2.51 3.65
CA ASP A 15 13.81 2.25 5.07
C ASP A 15 13.45 3.45 5.92
N GLU A 16 13.79 4.68 5.50
CA GLU A 16 13.50 5.84 6.36
C GLU A 16 12.02 6.01 6.49
N PHE A 17 11.27 6.08 5.36
CA PHE A 17 9.83 6.26 5.44
C PHE A 17 9.22 5.18 6.32
N MET A 18 9.61 3.90 6.12
CA MET A 18 9.02 2.82 6.89
C MET A 18 9.39 2.96 8.35
N LYS A 19 10.66 3.27 8.67
CA LYS A 19 11.02 3.42 10.07
C LYS A 19 10.16 4.49 10.70
N LEU A 20 9.91 5.62 9.99
CA LEU A 20 9.04 6.67 10.54
C LEU A 20 7.62 6.14 10.65
N LEU A 21 7.10 5.40 9.64
CA LEU A 21 5.78 4.80 9.76
C LEU A 21 5.71 3.99 11.03
N GLY A 22 6.83 3.37 11.47
CA GLY A 22 6.85 2.63 12.73
C GLY A 22 6.83 1.17 12.37
N ILE A 23 7.97 0.66 11.85
CA ILE A 23 8.02 -0.68 11.28
C ILE A 23 9.26 -1.39 11.80
N SER A 24 9.22 -2.72 11.98
CA SER A 24 10.36 -3.40 12.60
C SER A 24 11.55 -3.41 11.68
N SER A 25 12.78 -3.62 12.22
CA SER A 25 13.96 -3.64 11.36
C SER A 25 13.97 -4.90 10.54
N ASP A 26 13.72 -6.09 11.15
CA ASP A 26 13.81 -7.33 10.38
C ASP A 26 12.93 -7.26 9.15
N VAL A 27 11.69 -6.76 9.27
CA VAL A 27 10.82 -6.73 8.09
C VAL A 27 11.34 -5.68 7.13
N ILE A 28 11.87 -4.52 7.60
CA ILE A 28 12.44 -3.57 6.65
C ILE A 28 13.52 -4.28 5.85
N GLU A 29 14.47 -4.94 6.55
CA GLU A 29 15.59 -5.57 5.84
C GLU A 29 15.07 -6.58 4.85
N LYS A 30 14.21 -7.52 5.29
CA LYS A 30 13.78 -8.60 4.39
C LYS A 30 12.97 -8.02 3.26
N ALA A 31 12.00 -7.14 3.58
CA ALA A 31 11.18 -6.52 2.54
C ALA A 31 12.05 -5.90 1.47
N ARG A 32 13.07 -5.10 1.84
CA ARG A 32 13.95 -4.53 0.83
C ARG A 32 14.62 -5.64 0.07
N ASN A 33 15.09 -6.72 0.75
CA ASN A 33 15.71 -7.84 0.05
C ASN A 33 14.65 -8.84 -0.39
N PHE A 34 13.57 -8.39 -1.06
CA PHE A 34 12.53 -9.30 -1.56
C PHE A 34 11.62 -8.55 -2.50
N LYS A 35 11.39 -8.98 -3.77
CA LYS A 35 10.44 -8.24 -4.60
C LYS A 35 9.09 -8.43 -3.94
N ILE A 36 8.41 -7.32 -3.52
CA ILE A 36 7.15 -7.47 -2.82
C ILE A 36 6.13 -7.82 -3.88
N VAL A 37 5.29 -8.88 -3.71
CA VAL A 37 4.26 -9.16 -4.70
C VAL A 37 2.97 -8.67 -4.08
N THR A 38 1.97 -8.25 -4.89
CA THR A 38 0.76 -7.66 -4.32
C THR A 38 -0.42 -8.12 -5.13
N GLU A 39 -1.64 -8.20 -4.54
CA GLU A 39 -2.80 -8.64 -5.30
C GLU A 39 -4.02 -7.94 -4.78
N VAL A 40 -5.03 -7.62 -5.64
CA VAL A 40 -6.17 -6.83 -5.18
C VAL A 40 -7.44 -7.33 -5.83
N GLN A 41 -8.59 -7.25 -5.12
CA GLN A 41 -9.87 -7.60 -5.73
C GLN A 41 -10.84 -6.50 -5.37
N GLN A 42 -10.79 -5.35 -6.09
CA GLN A 42 -11.74 -4.27 -5.79
C GLN A 42 -13.14 -4.81 -5.94
N ASP A 43 -14.13 -4.29 -5.17
CA ASP A 43 -15.49 -4.82 -5.23
C ASP A 43 -16.47 -3.67 -5.14
N GLY A 44 -16.48 -2.79 -6.17
CA GLY A 44 -17.43 -1.69 -6.20
C GLY A 44 -17.43 -0.92 -4.90
N GLN A 45 -16.36 -0.14 -4.63
CA GLN A 45 -16.26 0.68 -3.41
C GLN A 45 -15.80 -0.16 -2.24
N ASP A 46 -16.29 -1.41 -2.06
CA ASP A 46 -15.68 -2.30 -1.07
C ASP A 46 -14.38 -2.81 -1.63
N PHE A 47 -13.42 -3.28 -0.79
CA PHE A 47 -12.16 -3.81 -1.31
C PHE A 47 -11.75 -5.04 -0.52
N THR A 48 -10.96 -5.94 -1.17
CA THR A 48 -10.36 -7.07 -0.45
C THR A 48 -8.93 -7.09 -0.92
N TRP A 49 -8.08 -6.24 -0.31
CA TRP A 49 -6.71 -6.04 -0.80
C TRP A 49 -5.81 -7.07 -0.15
N SER A 50 -4.65 -7.40 -0.76
CA SER A 50 -3.74 -8.36 -0.12
C SER A 50 -2.31 -8.03 -0.46
N GLN A 51 -1.34 -8.55 0.34
CA GLN A 51 0.07 -8.21 0.13
C GLN A 51 0.89 -9.48 0.31
N HIS A 52 2.14 -9.49 -0.21
CA HIS A 52 3.00 -10.67 -0.07
C HIS A 52 4.41 -10.15 0.07
N TYR A 53 5.16 -10.47 1.15
CA TYR A 53 6.38 -9.70 1.45
C TYR A 53 7.34 -10.45 2.34
N SER A 54 8.63 -10.06 2.37
CA SER A 54 9.60 -10.71 3.26
C SER A 54 9.48 -12.21 3.16
N GLY A 55 10.05 -12.84 2.11
CA GLY A 55 9.80 -14.27 1.93
C GLY A 55 8.38 -14.51 1.48
N GLY A 56 7.70 -13.50 0.90
CA GLY A 56 6.33 -13.72 0.41
C GLY A 56 5.36 -14.07 1.51
N HIS A 57 5.64 -13.74 2.80
CA HIS A 57 4.64 -14.03 3.82
C HIS A 57 3.41 -13.21 3.51
N THR A 58 2.19 -13.74 3.67
CA THR A 58 1.00 -13.05 3.17
C THR A 58 0.31 -12.29 4.27
N MET A 59 -0.33 -11.14 3.93
CA MET A 59 -1.27 -10.49 4.84
C MET A 59 -2.51 -10.19 4.03
N THR A 60 -3.73 -10.31 4.60
CA THR A 60 -4.93 -9.94 3.88
C THR A 60 -5.43 -8.65 4.49
N ASN A 61 -6.06 -7.76 3.70
CA ASN A 61 -6.56 -6.50 4.22
C ASN A 61 -7.89 -6.22 3.57
N LYS A 62 -8.73 -5.32 4.15
CA LYS A 62 -10.01 -5.02 3.52
C LYS A 62 -10.51 -3.67 4.00
N PHE A 63 -11.44 -3.03 3.26
CA PHE A 63 -11.94 -1.72 3.67
C PHE A 63 -13.02 -1.27 2.71
N THR A 64 -13.76 -0.19 3.05
CA THR A 64 -14.69 0.40 2.09
C THR A 64 -14.39 1.88 2.02
N VAL A 65 -14.47 2.50 0.82
CA VAL A 65 -14.01 3.88 0.69
C VAL A 65 -15.09 4.79 1.24
N GLY A 66 -14.72 5.99 1.71
CA GLY A 66 -15.69 6.82 2.41
C GLY A 66 -16.14 6.17 3.70
N LYS A 67 -15.40 5.20 4.28
CA LYS A 67 -15.81 4.60 5.54
C LYS A 67 -14.57 4.18 6.32
N GLU A 68 -14.58 4.29 7.67
CA GLU A 68 -13.37 3.96 8.43
C GLU A 68 -13.20 2.47 8.51
N SER A 69 -11.94 1.95 8.51
CA SER A 69 -11.71 0.52 8.70
C SER A 69 -10.49 0.33 9.57
N ASN A 70 -10.31 -0.86 10.19
CA ASN A 70 -9.09 -1.10 10.95
C ASN A 70 -8.02 -1.39 9.93
N ILE A 71 -6.88 -0.65 9.94
CA ILE A 71 -5.80 -0.95 9.00
C ILE A 71 -4.59 -1.36 9.81
N GLN A 72 -3.67 -2.18 9.26
CA GLN A 72 -2.49 -2.61 10.00
C GLN A 72 -1.28 -2.56 9.10
N THR A 73 -0.05 -2.61 9.66
CA THR A 73 1.16 -2.54 8.83
C THR A 73 1.99 -3.78 9.06
N MET A 74 1.39 -4.97 8.81
CA MET A 74 2.07 -6.24 9.07
C MET A 74 2.34 -6.42 10.54
N GLY A 75 3.39 -5.79 11.12
CA GLY A 75 3.74 -6.07 12.51
C GLY A 75 4.61 -4.98 13.07
N GLY A 76 4.05 -3.76 13.23
CA GLY A 76 4.81 -2.66 13.81
C GLY A 76 3.86 -1.64 14.37
N LYS A 77 3.29 -0.76 13.51
CA LYS A 77 2.29 0.21 13.96
C LYS A 77 0.93 -0.23 13.48
N THR A 78 -0.16 0.17 14.18
CA THR A 78 -1.51 -0.17 13.72
C THR A 78 -2.41 1.02 13.98
N PHE A 79 -3.48 1.21 13.17
CA PHE A 79 -4.35 2.37 13.40
C PHE A 79 -5.66 2.21 12.68
N LYS A 80 -6.68 3.03 13.06
CA LYS A 80 -7.92 3.07 12.29
C LYS A 80 -7.73 4.15 11.26
N ALA A 81 -8.30 4.02 10.04
CA ALA A 81 -8.08 5.04 9.02
C ALA A 81 -9.13 4.95 7.94
N THR A 82 -9.29 6.01 7.11
CA THR A 82 -10.36 6.02 6.12
C THR A 82 -9.74 6.05 4.74
N VAL A 83 -10.24 5.20 3.80
CA VAL A 83 -9.72 5.20 2.44
C VAL A 83 -10.70 6.00 1.63
N GLN A 84 -10.26 6.70 0.56
CA GLN A 84 -11.15 7.56 -0.22
C GLN A 84 -10.88 7.31 -1.68
N MET A 85 -11.83 7.60 -2.60
CA MET A 85 -11.58 7.36 -4.01
C MET A 85 -11.91 8.63 -4.77
N GLU A 86 -10.97 9.59 -4.77
CA GLU A 86 -11.21 10.86 -5.44
C GLU A 86 -10.99 10.63 -6.92
N GLY A 87 -12.04 10.20 -7.65
CA GLY A 87 -11.87 9.96 -9.08
C GLY A 87 -10.99 8.75 -9.28
N GLY A 88 -10.14 8.72 -10.33
CA GLY A 88 -9.31 7.54 -10.56
C GLY A 88 -8.35 7.27 -9.43
N LYS A 89 -8.00 8.25 -8.57
CA LYS A 89 -7.03 7.98 -7.50
C LYS A 89 -7.73 7.26 -6.37
N LEU A 90 -6.97 6.49 -5.56
CA LEU A 90 -7.52 5.79 -4.40
C LEU A 90 -6.85 6.48 -3.23
N VAL A 91 -7.33 7.70 -2.90
CA VAL A 91 -6.69 8.54 -1.90
C VAL A 91 -6.82 7.89 -0.54
N VAL A 92 -5.95 8.22 0.44
CA VAL A 92 -6.12 7.69 1.80
C VAL A 92 -5.47 8.61 2.80
N ASN A 93 -5.92 8.60 4.07
CA ASN A 93 -5.27 9.40 5.10
C ASN A 93 -5.23 8.62 6.39
N PHE A 94 -4.25 8.90 7.29
CA PHE A 94 -4.11 8.15 8.54
C PHE A 94 -3.86 9.15 9.65
N PRO A 95 -4.17 8.91 10.95
CA PRO A 95 -3.89 9.90 11.97
C PRO A 95 -2.39 9.97 12.21
N ASN A 96 -1.63 10.59 11.28
CA ASN A 96 -0.17 10.66 11.38
C ASN A 96 0.45 11.02 10.04
N TYR A 97 0.02 10.36 8.93
CA TYR A 97 0.67 10.53 7.64
C TYR A 97 -0.33 10.48 6.52
N HIS A 98 0.09 10.58 5.24
CA HIS A 98 -0.86 10.54 4.13
C HIS A 98 -0.29 9.82 2.92
N GLN A 99 -1.13 9.13 2.10
CA GLN A 99 -0.65 8.48 0.88
C GLN A 99 -1.70 8.65 -0.21
N THR A 100 -1.32 8.55 -1.50
CA THR A 100 -2.31 8.48 -2.57
C THR A 100 -1.99 7.24 -3.38
N SER A 101 -2.81 6.16 -3.33
CA SER A 101 -2.57 5.00 -4.18
C SER A 101 -3.20 5.29 -5.52
N GLU A 102 -2.57 4.91 -6.66
CA GLU A 102 -3.07 5.34 -7.97
C GLU A 102 -2.80 4.29 -9.01
N ILE A 103 -3.55 4.29 -10.15
CA ILE A 103 -3.26 3.40 -11.26
C ILE A 103 -2.80 4.29 -12.40
N VAL A 104 -1.73 3.93 -13.14
CA VAL A 104 -1.22 4.79 -14.20
C VAL A 104 -0.75 3.92 -15.36
N GLY A 105 -1.27 4.08 -16.59
CA GLY A 105 -0.75 3.31 -17.71
C GLY A 105 -0.74 1.82 -17.43
N ASP A 106 -1.85 1.27 -16.90
CA ASP A 106 -1.90 -0.17 -16.60
C ASP A 106 -0.77 -0.58 -15.69
N LYS A 107 -0.50 0.23 -14.64
CA LYS A 107 0.48 -0.13 -13.62
C LYS A 107 -0.01 0.40 -12.30
N LEU A 108 0.48 -0.14 -11.16
CA LEU A 108 0.06 0.36 -9.85
C LEU A 108 1.19 1.20 -9.32
N VAL A 109 0.92 2.25 -8.50
CA VAL A 109 1.98 3.10 -7.99
C VAL A 109 1.46 3.88 -6.82
N GLU A 110 2.30 4.23 -5.82
CA GLU A 110 1.82 4.95 -4.65
C GLU A 110 2.76 6.11 -4.37
N VAL A 111 2.28 7.19 -3.71
CA VAL A 111 3.16 8.32 -3.37
C VAL A 111 2.81 8.74 -1.96
N SER A 112 3.78 9.07 -1.08
CA SER A 112 3.42 9.36 0.31
C SER A 112 4.35 10.32 0.98
N THR A 113 4.01 10.70 2.24
CA THR A 113 4.80 11.70 2.95
C THR A 113 4.63 11.49 4.44
N ILE A 114 5.68 11.73 5.27
CA ILE A 114 5.55 11.51 6.71
C ILE A 114 6.66 12.24 7.43
N GLY A 115 6.45 12.71 8.68
CA GLY A 115 7.55 13.36 9.41
C GLY A 115 8.15 14.46 8.57
N GLY A 116 9.27 14.21 7.86
CA GLY A 116 9.84 15.23 6.98
C GLY A 116 10.51 14.58 5.79
N VAL A 117 9.84 13.62 5.12
CA VAL A 117 10.41 12.97 3.94
C VAL A 117 9.32 12.69 2.93
N THR A 118 9.68 12.44 1.64
CA THR A 118 8.70 12.07 0.62
C THR A 118 8.97 10.62 0.29
N TYR A 119 8.00 9.89 -0.31
CA TYR A 119 8.21 8.46 -0.58
C TYR A 119 7.42 8.03 -1.79
N GLU A 120 7.74 6.85 -2.35
CA GLU A 120 7.02 6.36 -3.52
C GLU A 120 7.39 4.92 -3.78
N ARG A 121 6.50 4.15 -4.44
CA ARG A 121 6.90 2.84 -4.96
C ARG A 121 6.17 2.60 -6.26
N VAL A 122 6.79 1.93 -7.26
CA VAL A 122 6.09 1.61 -8.51
C VAL A 122 5.85 0.12 -8.52
N SER A 123 4.77 -0.32 -9.22
CA SER A 123 4.41 -1.73 -9.23
C SER A 123 3.85 -2.08 -10.59
N LYS A 124 4.17 -3.26 -11.16
CA LYS A 124 3.65 -3.58 -12.49
C LYS A 124 2.28 -4.21 -12.31
N ARG A 125 1.41 -4.19 -13.33
CA ARG A 125 0.16 -4.94 -13.27
C ARG A 125 0.37 -6.17 -14.13
N LEU A 126 0.08 -7.39 -13.62
CA LEU A 126 0.33 -8.59 -14.43
C LEU A 126 -0.94 -8.91 -15.18
N ALA A 127 -2.08 -9.10 -14.49
CA ALA A 127 -3.33 -9.34 -15.22
C ALA A 127 -3.77 -8.05 -15.85
N ALA A 1 -9.80 -0.83 -13.16
CA ALA A 1 -8.62 -0.30 -12.49
C ALA A 1 -8.49 -0.90 -11.12
N PHE A 2 -7.29 -0.83 -10.50
CA PHE A 2 -7.11 -1.38 -9.15
C PHE A 2 -7.61 -2.80 -9.14
N THR A 3 -7.07 -3.66 -10.03
CA THR A 3 -7.52 -5.05 -10.10
C THR A 3 -6.42 -5.91 -10.67
N GLY A 4 -6.33 -7.21 -10.30
CA GLY A 4 -5.36 -8.10 -10.94
C GLY A 4 -4.17 -8.32 -10.06
N LYS A 5 -3.05 -8.84 -10.62
CA LYS A 5 -1.87 -9.14 -9.83
C LYS A 5 -0.84 -8.06 -10.08
N PHE A 6 0.20 -7.94 -9.22
CA PHE A 6 1.19 -6.88 -9.40
C PHE A 6 2.51 -7.30 -8.82
N GLU A 7 3.66 -6.88 -9.39
CA GLU A 7 4.97 -7.30 -8.89
C GLU A 7 5.69 -6.08 -8.34
N MET A 8 5.42 -5.71 -7.07
CA MET A 8 6.04 -4.53 -6.47
C MET A 8 7.53 -4.77 -6.32
N GLU A 9 8.41 -4.21 -7.20
CA GLU A 9 9.83 -4.56 -7.16
C GLU A 9 10.76 -3.37 -7.33
N SER A 10 10.37 -2.13 -6.96
CA SER A 10 11.29 -1.01 -7.09
C SER A 10 10.86 0.11 -6.17
N GLU A 11 11.77 0.65 -5.32
CA GLU A 11 11.38 1.61 -4.30
C GLU A 11 12.50 2.59 -4.02
N LYS A 12 12.26 3.69 -3.26
CA LYS A 12 13.36 4.58 -2.87
C LYS A 12 13.17 4.99 -1.43
N ASN A 13 14.25 5.27 -0.66
CA ASN A 13 14.08 5.61 0.75
C ASN A 13 13.10 4.66 1.42
N TYR A 14 13.21 3.35 1.09
CA TYR A 14 12.29 2.36 1.65
C TYR A 14 12.62 2.15 3.10
N ASP A 15 13.89 1.85 3.46
CA ASP A 15 14.21 1.60 4.85
C ASP A 15 13.88 2.80 5.71
N GLU A 16 14.20 4.03 5.23
CA GLU A 16 13.87 5.21 6.03
C GLU A 16 12.37 5.28 6.21
N PHE A 17 11.59 5.15 5.11
CA PHE A 17 10.13 5.27 5.23
C PHE A 17 9.59 4.22 6.16
N MET A 18 9.99 2.93 5.98
CA MET A 18 9.43 1.86 6.81
C MET A 18 9.89 1.99 8.24
N LYS A 19 11.14 2.44 8.51
CA LYS A 19 11.56 2.61 9.89
C LYS A 19 10.65 3.61 10.56
N LEU A 20 10.35 4.75 9.90
CA LEU A 20 9.44 5.73 10.50
C LEU A 20 8.06 5.12 10.62
N LEU A 21 7.60 4.39 9.59
CA LEU A 21 6.28 3.76 9.65
C LEU A 21 6.20 2.88 10.88
N GLY A 22 7.29 2.17 11.25
CA GLY A 22 7.28 1.36 12.46
C GLY A 22 7.24 -0.09 12.04
N ILE A 23 8.39 -0.63 11.57
CA ILE A 23 8.43 -2.01 11.08
C ILE A 23 9.66 -2.68 11.65
N SER A 24 9.66 -4.02 11.88
CA SER A 24 10.81 -4.66 12.52
C SER A 24 11.99 -4.68 11.56
N SER A 25 13.21 -4.33 12.01
CA SER A 25 14.33 -4.22 11.07
C SER A 25 14.49 -5.47 10.23
N ASP A 26 14.46 -6.67 10.84
CA ASP A 26 14.66 -7.88 10.06
C ASP A 26 13.73 -7.90 8.87
N VAL A 27 12.42 -7.60 9.04
CA VAL A 27 11.51 -7.67 7.90
C VAL A 27 11.71 -6.47 7.00
N ILE A 28 12.22 -5.31 7.48
CA ILE A 28 12.53 -4.22 6.55
C ILE A 28 13.54 -4.77 5.57
N GLU A 29 14.67 -5.33 6.08
CA GLU A 29 15.74 -5.73 5.18
C GLU A 29 15.27 -6.84 4.27
N LYS A 30 14.61 -7.88 4.83
CA LYS A 30 14.16 -8.98 3.99
C LYS A 30 13.18 -8.45 2.96
N ALA A 31 12.29 -7.51 3.34
CA ALA A 31 11.33 -6.97 2.38
C ALA A 31 12.06 -6.33 1.22
N ARG A 32 13.11 -5.51 1.47
CA ARG A 32 13.79 -4.86 0.35
C ARG A 32 14.37 -5.90 -0.58
N ASN A 33 15.17 -6.85 -0.05
CA ASN A 33 15.77 -7.85 -0.93
C ASN A 33 14.69 -8.63 -1.66
N PHE A 34 13.63 -9.02 -0.93
CA PHE A 34 12.56 -9.82 -1.55
C PHE A 34 11.79 -8.97 -2.54
N LYS A 35 11.32 -9.54 -3.68
CA LYS A 35 10.49 -8.76 -4.60
C LYS A 35 9.10 -8.78 -4.01
N ILE A 36 8.54 -7.63 -3.58
CA ILE A 36 7.21 -7.67 -2.96
C ILE A 36 6.24 -7.99 -4.06
N VAL A 37 5.20 -8.83 -3.80
CA VAL A 37 4.17 -9.11 -4.79
C VAL A 37 2.88 -8.61 -4.19
N THR A 38 1.87 -8.22 -5.01
CA THR A 38 0.66 -7.60 -4.48
C THR A 38 -0.52 -7.96 -5.34
N GLU A 39 -1.75 -7.96 -4.78
CA GLU A 39 -2.94 -8.34 -5.54
C GLU A 39 -4.07 -7.42 -5.16
N VAL A 40 -5.03 -7.13 -6.07
CA VAL A 40 -6.14 -6.25 -5.74
C VAL A 40 -7.40 -6.73 -6.42
N GLN A 41 -8.60 -6.50 -5.82
CA GLN A 41 -9.85 -6.85 -6.48
C GLN A 41 -10.85 -5.74 -6.22
N GLN A 42 -10.81 -4.63 -7.00
CA GLN A 42 -11.77 -3.55 -6.82
C GLN A 42 -13.18 -4.08 -6.94
N ASP A 43 -14.18 -3.46 -6.28
CA ASP A 43 -15.53 -4.01 -6.25
C ASP A 43 -16.56 -2.94 -5.97
N GLY A 44 -16.72 -1.95 -6.88
CA GLY A 44 -17.78 -0.96 -6.70
C GLY A 44 -17.61 -0.22 -5.39
N GLN A 45 -16.67 0.74 -5.31
CA GLN A 45 -16.46 1.49 -4.08
C GLN A 45 -16.13 0.57 -2.93
N ASP A 46 -15.49 -0.59 -3.22
CA ASP A 46 -15.06 -1.50 -2.17
C ASP A 46 -13.90 -2.30 -2.70
N PHE A 47 -13.01 -2.85 -1.85
CA PHE A 47 -11.80 -3.49 -2.37
C PHE A 47 -11.34 -4.60 -1.45
N THR A 48 -10.78 -5.70 -2.01
CA THR A 48 -9.97 -6.60 -1.19
C THR A 48 -8.55 -6.33 -1.64
N TRP A 49 -7.54 -6.45 -0.74
CA TRP A 49 -6.17 -6.11 -1.12
C TRP A 49 -5.26 -7.09 -0.45
N SER A 50 -4.08 -7.42 -1.02
CA SER A 50 -3.18 -8.34 -0.33
C SER A 50 -1.75 -7.91 -0.54
N GLN A 51 -0.84 -8.33 0.37
CA GLN A 51 0.58 -8.03 0.21
C GLN A 51 1.31 -9.35 0.35
N HIS A 52 2.54 -9.47 -0.19
CA HIS A 52 3.29 -10.71 -0.07
C HIS A 52 4.73 -10.29 0.10
N TYR A 53 5.44 -10.63 1.19
CA TYR A 53 6.70 -9.94 1.48
C TYR A 53 7.58 -10.72 2.44
N SER A 54 8.91 -10.45 2.42
CA SER A 54 9.83 -11.14 3.34
C SER A 54 9.58 -12.62 3.28
N GLY A 55 10.04 -13.31 2.21
CA GLY A 55 9.69 -14.71 2.06
C GLY A 55 8.22 -14.86 1.72
N GLY A 56 7.60 -13.86 1.06
CA GLY A 56 6.20 -14.01 0.68
C GLY A 56 5.25 -14.16 1.84
N HIS A 57 5.62 -13.74 3.08
CA HIS A 57 4.64 -13.81 4.17
C HIS A 57 3.50 -12.90 3.77
N THR A 58 2.23 -13.24 4.11
CA THR A 58 1.09 -12.59 3.45
C THR A 58 0.21 -11.84 4.43
N MET A 59 -0.48 -10.79 3.95
CA MET A 59 -1.55 -10.16 4.71
C MET A 59 -2.72 -9.97 3.77
N THR A 60 -3.98 -9.89 4.27
CA THR A 60 -5.14 -9.79 3.39
C THR A 60 -6.00 -8.66 3.91
N ASN A 61 -5.64 -7.39 3.62
CA ASN A 61 -6.41 -6.28 4.15
C ASN A 61 -7.65 -6.09 3.31
N LYS A 62 -8.70 -5.41 3.83
CA LYS A 62 -9.88 -5.10 3.02
C LYS A 62 -10.62 -3.94 3.64
N PHE A 63 -11.43 -3.18 2.87
CA PHE A 63 -12.02 -1.95 3.41
C PHE A 63 -13.07 -1.42 2.46
N THR A 64 -13.90 -0.43 2.90
CA THR A 64 -14.86 0.20 2.01
C THR A 64 -14.49 1.66 1.91
N VAL A 65 -14.45 2.26 0.69
CA VAL A 65 -14.00 3.65 0.60
C VAL A 65 -15.09 4.56 1.09
N GLY A 66 -14.74 5.80 1.52
CA GLY A 66 -15.76 6.67 2.11
C GLY A 66 -16.17 6.20 3.49
N LYS A 67 -15.52 5.16 4.10
CA LYS A 67 -15.91 4.74 5.44
C LYS A 67 -14.66 4.45 6.24
N GLU A 68 -14.74 4.39 7.60
CA GLU A 68 -13.55 4.09 8.38
C GLU A 68 -13.27 2.61 8.31
N SER A 69 -11.99 2.20 8.35
CA SER A 69 -11.66 0.77 8.44
C SER A 69 -10.44 0.64 9.33
N ASN A 70 -10.30 -0.43 10.15
CA ASN A 70 -9.12 -0.53 11.01
C ASN A 70 -8.01 -1.10 10.17
N ILE A 71 -6.80 -0.51 10.19
CA ILE A 71 -5.71 -0.97 9.34
C ILE A 71 -4.49 -1.26 10.19
N GLN A 72 -3.54 -2.08 9.73
CA GLN A 72 -2.27 -2.22 10.45
C GLN A 72 -1.14 -2.42 9.47
N THR A 73 0.13 -2.28 9.93
CA THR A 73 1.27 -2.42 9.01
C THR A 73 2.01 -3.68 9.40
N MET A 74 1.38 -4.85 9.18
CA MET A 74 1.96 -6.11 9.61
C MET A 74 2.22 -6.05 11.10
N GLY A 75 1.17 -5.74 11.90
CA GLY A 75 1.34 -5.64 13.34
C GLY A 75 2.51 -4.75 13.71
N GLY A 76 2.81 -3.72 12.89
CA GLY A 76 3.94 -2.84 13.17
C GLY A 76 3.41 -1.59 13.85
N LYS A 77 2.51 -0.85 13.16
CA LYS A 77 1.90 0.34 13.74
C LYS A 77 0.42 0.24 13.46
N THR A 78 -0.44 -0.07 14.46
CA THR A 78 -1.86 -0.16 14.19
C THR A 78 -2.45 1.23 14.12
N PHE A 79 -3.38 1.49 13.17
CA PHE A 79 -4.09 2.78 13.17
C PHE A 79 -5.38 2.62 12.41
N LYS A 80 -6.34 3.56 12.57
CA LYS A 80 -7.56 3.51 11.77
C LYS A 80 -7.36 4.42 10.58
N ALA A 81 -8.15 4.25 9.50
CA ALA A 81 -7.93 5.04 8.30
C ALA A 81 -9.24 5.34 7.62
N THR A 82 -9.28 6.34 6.71
CA THR A 82 -10.45 6.53 5.87
C THR A 82 -9.95 6.38 4.47
N VAL A 83 -10.29 5.29 3.74
CA VAL A 83 -9.79 5.15 2.37
C VAL A 83 -10.75 5.94 1.51
N GLN A 84 -10.25 6.61 0.46
CA GLN A 84 -11.08 7.50 -0.34
C GLN A 84 -10.78 7.22 -1.80
N MET A 85 -11.65 7.62 -2.75
CA MET A 85 -11.46 7.26 -4.15
C MET A 85 -11.63 8.48 -5.03
N GLU A 86 -10.51 9.05 -5.54
CA GLU A 86 -10.60 10.21 -6.44
C GLU A 86 -10.37 9.71 -7.85
N GLY A 87 -11.29 8.85 -8.35
CA GLY A 87 -11.18 8.35 -9.71
C GLY A 87 -9.82 7.77 -9.99
N GLY A 88 -8.93 8.49 -10.70
CA GLY A 88 -7.63 7.93 -11.05
C GLY A 88 -6.90 7.40 -9.84
N LYS A 89 -6.94 8.11 -8.69
CA LYS A 89 -6.20 7.66 -7.51
C LYS A 89 -7.14 6.99 -6.52
N LEU A 90 -6.55 6.25 -5.55
CA LEU A 90 -7.31 5.61 -4.48
C LEU A 90 -6.73 6.24 -3.24
N VAL A 91 -7.22 7.47 -2.90
CA VAL A 91 -6.58 8.30 -1.88
C VAL A 91 -6.77 7.69 -0.51
N VAL A 92 -5.92 8.05 0.49
CA VAL A 92 -6.15 7.57 1.85
C VAL A 92 -5.50 8.51 2.84
N ASN A 93 -5.98 8.56 4.11
CA ASN A 93 -5.29 9.36 5.13
C ASN A 93 -5.23 8.59 6.43
N PHE A 94 -4.35 9.01 7.37
CA PHE A 94 -4.24 8.34 8.67
C PHE A 94 -3.98 9.40 9.72
N PRO A 95 -4.37 9.27 11.02
CA PRO A 95 -4.08 10.33 11.98
C PRO A 95 -2.61 10.29 12.34
N ASN A 96 -1.74 10.78 11.43
CA ASN A 96 -0.28 10.69 11.62
C ASN A 96 0.43 10.96 10.32
N TYR A 97 -0.02 10.32 9.21
CA TYR A 97 0.69 10.42 7.93
C TYR A 97 -0.30 10.34 6.79
N HIS A 98 0.14 10.31 5.52
CA HIS A 98 -0.81 10.27 4.39
C HIS A 98 -0.26 9.47 3.24
N GLN A 99 -1.12 8.85 2.39
CA GLN A 99 -0.62 8.14 1.20
C GLN A 99 -1.63 8.29 0.09
N THR A 100 -1.21 8.11 -1.19
CA THR A 100 -2.17 8.01 -2.28
C THR A 100 -1.80 6.77 -3.06
N SER A 101 -2.71 5.77 -3.21
CA SER A 101 -2.41 4.62 -4.07
C SER A 101 -2.83 5.00 -5.47
N GLU A 102 -2.13 4.53 -6.53
CA GLU A 102 -2.36 5.10 -7.87
C GLU A 102 -2.18 4.05 -8.93
N ILE A 103 -2.61 4.33 -10.18
CA ILE A 103 -2.42 3.40 -11.29
C ILE A 103 -1.86 4.21 -12.43
N VAL A 104 -0.73 3.81 -13.07
CA VAL A 104 -0.12 4.64 -14.10
C VAL A 104 0.45 3.75 -15.19
N GLY A 105 0.25 4.05 -16.49
CA GLY A 105 0.89 3.25 -17.54
C GLY A 105 0.89 1.76 -17.26
N ASP A 106 -0.27 1.19 -16.86
CA ASP A 106 -0.34 -0.24 -16.57
C ASP A 106 0.64 -0.62 -15.48
N LYS A 107 0.61 0.11 -14.35
CA LYS A 107 1.45 -0.22 -13.19
C LYS A 107 0.67 0.07 -11.94
N LEU A 108 1.16 -0.41 -10.76
CA LEU A 108 0.54 -0.04 -9.49
C LEU A 108 1.63 0.69 -8.73
N VAL A 109 1.42 1.97 -8.37
CA VAL A 109 2.46 2.75 -7.71
C VAL A 109 1.80 3.51 -6.58
N GLU A 110 2.50 3.71 -5.44
CA GLU A 110 1.90 4.42 -4.31
C GLU A 110 2.89 5.46 -3.87
N VAL A 111 2.45 6.61 -3.28
CA VAL A 111 3.38 7.67 -2.91
C VAL A 111 2.98 8.17 -1.55
N SER A 112 3.91 8.39 -0.58
CA SER A 112 3.49 8.77 0.77
C SER A 112 4.44 9.73 1.44
N THR A 113 3.96 10.39 2.52
CA THR A 113 4.79 11.32 3.28
C THR A 113 4.65 10.97 4.73
N ILE A 114 5.71 11.09 5.56
CA ILE A 114 5.61 10.71 6.97
C ILE A 114 6.73 11.36 7.74
N GLY A 115 6.54 11.71 9.05
CA GLY A 115 7.62 12.33 9.80
C GLY A 115 8.11 13.55 9.05
N GLY A 116 9.22 13.44 8.29
CA GLY A 116 9.68 14.56 7.47
C GLY A 116 10.37 14.05 6.23
N VAL A 117 9.76 13.06 5.53
CA VAL A 117 10.38 12.50 4.32
C VAL A 117 9.30 12.16 3.32
N THR A 118 9.67 11.82 2.06
CA THR A 118 8.69 11.35 1.08
C THR A 118 9.25 10.13 0.40
N TYR A 119 8.40 9.17 -0.07
CA TYR A 119 8.95 7.96 -0.68
C TYR A 119 7.92 7.34 -1.60
N GLU A 120 8.27 6.23 -2.28
CA GLU A 120 7.30 5.59 -3.17
C GLU A 120 7.67 4.16 -3.45
N ARG A 121 6.74 3.39 -4.07
CA ARG A 121 7.03 2.04 -4.50
C ARG A 121 6.38 1.81 -5.84
N VAL A 122 6.88 0.91 -6.71
CA VAL A 122 6.31 0.77 -8.06
C VAL A 122 6.19 -0.70 -8.42
N SER A 123 5.18 -1.09 -9.23
CA SER A 123 5.01 -2.50 -9.61
C SER A 123 4.77 -2.65 -11.08
N LYS A 124 4.99 -3.88 -11.63
CA LYS A 124 4.61 -4.15 -13.01
C LYS A 124 3.28 -4.85 -12.95
N ARG A 125 2.21 -4.38 -13.64
CA ARG A 125 0.95 -5.11 -13.59
C ARG A 125 1.14 -6.35 -14.41
N LEU A 126 0.75 -7.55 -13.90
CA LEU A 126 0.94 -8.78 -14.67
C LEU A 126 -0.34 -9.06 -15.43
N ALA A 127 -1.48 -9.20 -14.72
CA ALA A 127 -2.77 -9.42 -15.39
C ALA A 127 -3.48 -8.09 -15.46
N ALA A 1 -10.71 -1.48 -12.27
CA ALA A 1 -9.46 -0.86 -11.87
C ALA A 1 -9.02 -1.40 -10.53
N PHE A 2 -7.75 -1.18 -10.12
CA PHE A 2 -7.29 -1.66 -8.82
C PHE A 2 -7.59 -3.14 -8.70
N THR A 3 -7.14 -3.98 -9.66
CA THR A 3 -7.45 -5.40 -9.62
C THR A 3 -6.31 -6.20 -10.19
N GLY A 4 -6.07 -7.44 -9.73
CA GLY A 4 -5.04 -8.27 -10.33
C GLY A 4 -3.68 -7.99 -9.73
N LYS A 5 -2.60 -8.56 -10.30
CA LYS A 5 -1.27 -8.45 -9.71
C LYS A 5 -0.56 -7.18 -10.13
N PHE A 6 0.46 -6.77 -9.34
CA PHE A 6 1.17 -5.52 -9.59
C PHE A 6 2.60 -5.68 -9.10
N GLU A 7 3.63 -5.73 -10.00
CA GLU A 7 5.00 -5.97 -9.54
C GLU A 7 5.57 -4.68 -9.00
N MET A 8 5.36 -4.36 -7.70
CA MET A 8 5.90 -3.12 -7.16
C MET A 8 7.41 -3.22 -7.28
N GLU A 9 8.12 -2.16 -7.72
CA GLU A 9 9.55 -2.30 -7.98
C GLU A 9 10.36 -1.01 -7.85
N SER A 10 9.95 0.16 -8.38
CA SER A 10 10.75 1.36 -8.22
C SER A 10 10.18 2.21 -7.10
N GLU A 11 11.01 2.66 -6.14
CA GLU A 11 10.53 3.50 -5.05
C GLU A 11 11.62 4.50 -4.70
N LYS A 12 11.36 5.52 -3.84
CA LYS A 12 12.45 6.39 -3.40
C LYS A 12 12.35 6.55 -1.90
N ASN A 13 13.40 6.98 -1.16
CA ASN A 13 13.27 7.16 0.29
C ASN A 13 12.55 5.99 0.93
N TYR A 14 12.90 4.75 0.55
CA TYR A 14 12.16 3.59 1.04
C TYR A 14 12.44 3.34 2.50
N ASP A 15 13.71 3.09 2.88
CA ASP A 15 13.99 2.80 4.29
C ASP A 15 13.57 3.96 5.16
N GLU A 16 13.80 5.21 4.71
CA GLU A 16 13.42 6.35 5.53
C GLU A 16 11.91 6.38 5.71
N PHE A 17 11.13 6.28 4.62
CA PHE A 17 9.68 6.33 4.74
C PHE A 17 9.19 5.24 5.67
N MET A 18 9.68 3.99 5.49
CA MET A 18 9.20 2.87 6.30
C MET A 18 9.61 3.10 7.74
N LYS A 19 10.88 3.46 8.01
CA LYS A 19 11.30 3.73 9.38
C LYS A 19 10.33 4.69 10.03
N LEU A 20 9.96 5.79 9.33
CA LEU A 20 9.05 6.77 9.93
C LEU A 20 7.66 6.16 10.06
N LEU A 21 7.20 5.37 9.06
CA LEU A 21 5.91 4.69 9.22
C LEU A 21 5.91 3.87 10.49
N GLY A 22 7.08 3.35 10.95
CA GLY A 22 7.14 2.63 12.22
C GLY A 22 7.26 1.16 11.88
N ILE A 23 8.46 0.75 11.40
CA ILE A 23 8.63 -0.58 10.81
C ILE A 23 9.97 -1.14 11.24
N SER A 24 10.14 -2.49 11.34
CA SER A 24 11.42 -3.04 11.79
C SER A 24 12.46 -3.02 10.70
N SER A 25 13.76 -3.20 11.04
CA SER A 25 14.80 -3.18 10.02
C SER A 25 14.76 -4.44 9.20
N ASP A 26 14.70 -5.63 9.83
CA ASP A 26 14.76 -6.86 9.04
C ASP A 26 13.73 -6.84 7.93
N VAL A 27 12.47 -6.42 8.22
CA VAL A 27 11.45 -6.43 7.18
C VAL A 27 11.77 -5.37 6.16
N ILE A 28 12.33 -4.20 6.53
CA ILE A 28 12.72 -3.23 5.52
C ILE A 28 13.72 -3.89 4.60
N GLU A 29 14.82 -4.46 5.16
CA GLU A 29 15.86 -5.02 4.30
C GLU A 29 15.26 -6.05 3.37
N LYS A 30 14.51 -7.03 3.92
CA LYS A 30 13.94 -8.08 3.07
C LYS A 30 13.03 -7.46 2.05
N ALA A 31 12.16 -6.51 2.47
CA ALA A 31 11.20 -5.93 1.53
C ALA A 31 11.91 -5.22 0.40
N ARG A 32 12.99 -4.44 0.68
CA ARG A 32 13.67 -3.75 -0.41
C ARG A 32 14.23 -4.77 -1.38
N ASN A 33 14.99 -5.77 -0.89
CA ASN A 33 15.52 -6.79 -1.79
C ASN A 33 14.40 -7.42 -2.58
N PHE A 34 13.26 -7.72 -1.93
CA PHE A 34 12.15 -8.41 -2.60
C PHE A 34 11.36 -7.43 -3.43
N LYS A 35 10.60 -7.91 -4.46
CA LYS A 35 9.70 -7.04 -5.21
C LYS A 35 8.34 -7.24 -4.60
N ILE A 36 7.69 -6.22 -4.00
CA ILE A 36 6.41 -6.46 -3.35
C ILE A 36 5.43 -6.71 -4.48
N VAL A 37 5.02 -7.97 -4.75
CA VAL A 37 4.02 -8.17 -5.78
C VAL A 37 2.74 -7.75 -5.12
N THR A 38 2.35 -6.46 -5.22
CA THR A 38 1.07 -6.06 -4.65
C THR A 38 0.02 -6.79 -5.46
N GLU A 39 -1.11 -7.21 -4.83
CA GLU A 39 -2.19 -7.83 -5.59
C GLU A 39 -3.50 -7.32 -5.04
N VAL A 40 -4.56 -7.17 -5.88
CA VAL A 40 -5.78 -6.50 -5.39
C VAL A 40 -7.02 -7.17 -5.96
N GLN A 41 -8.16 -7.11 -5.24
CA GLN A 41 -9.41 -7.60 -5.79
C GLN A 41 -10.47 -6.55 -5.51
N GLN A 42 -10.51 -5.46 -6.32
CA GLN A 42 -11.53 -4.44 -6.09
C GLN A 42 -12.89 -5.09 -6.15
N ASP A 43 -13.89 -4.60 -5.38
CA ASP A 43 -15.17 -5.29 -5.30
C ASP A 43 -16.29 -4.31 -5.04
N GLY A 44 -16.53 -3.37 -5.98
CA GLY A 44 -17.67 -2.47 -5.85
C GLY A 44 -17.66 -1.76 -4.52
N GLN A 45 -16.72 -0.82 -4.30
CA GLN A 45 -16.62 -0.06 -3.04
C GLN A 45 -15.86 -0.85 -2.00
N ASP A 46 -16.05 -2.18 -1.89
CA ASP A 46 -15.20 -2.99 -1.03
C ASP A 46 -13.91 -3.27 -1.76
N PHE A 47 -12.81 -3.58 -1.03
CA PHE A 47 -11.53 -3.86 -1.67
C PHE A 47 -10.84 -4.93 -0.86
N THR A 48 -10.90 -6.23 -1.27
CA THR A 48 -10.08 -7.22 -0.58
C THR A 48 -8.69 -7.03 -1.14
N TRP A 49 -7.88 -6.11 -0.54
CA TRP A 49 -6.57 -5.79 -1.09
C TRP A 49 -5.57 -6.78 -0.54
N SER A 50 -4.41 -6.99 -1.22
CA SER A 50 -3.43 -7.93 -0.68
C SER A 50 -2.01 -7.48 -0.94
N GLN A 51 -1.04 -8.04 -0.18
CA GLN A 51 0.35 -7.63 -0.30
C GLN A 51 1.20 -8.88 -0.21
N HIS A 52 2.04 -9.20 -1.23
CA HIS A 52 3.00 -10.29 -1.08
C HIS A 52 4.32 -9.60 -0.84
N TYR A 53 5.07 -9.87 0.26
CA TYR A 53 6.22 -9.03 0.60
C TYR A 53 7.28 -9.80 1.37
N SER A 54 8.55 -9.35 1.36
CA SER A 54 9.61 -10.01 2.13
C SER A 54 9.54 -11.51 2.01
N GLY A 55 10.07 -12.11 0.93
CA GLY A 55 9.88 -13.54 0.73
C GLY A 55 8.44 -13.83 0.38
N GLY A 56 7.69 -12.85 -0.19
CA GLY A 56 6.32 -13.11 -0.59
C GLY A 56 5.43 -13.52 0.56
N HIS A 57 5.73 -13.17 1.83
CA HIS A 57 4.79 -13.48 2.90
C HIS A 57 3.54 -12.71 2.60
N THR A 58 2.33 -13.27 2.83
CA THR A 58 1.11 -12.63 2.34
C THR A 58 0.37 -11.94 3.47
N MET A 59 -0.29 -10.79 3.17
CA MET A 59 -1.27 -10.21 4.09
C MET A 59 -2.49 -9.90 3.24
N THR A 60 -3.72 -9.96 3.81
CA THR A 60 -4.92 -9.73 3.00
C THR A 60 -5.72 -8.65 3.70
N ASN A 61 -5.37 -7.36 3.48
CA ASN A 61 -6.13 -6.29 4.12
C ASN A 61 -7.48 -6.20 3.46
N LYS A 62 -8.49 -5.60 4.13
CA LYS A 62 -9.77 -5.36 3.46
C LYS A 62 -10.46 -4.15 4.05
N PHE A 63 -11.27 -3.42 3.27
CA PHE A 63 -11.88 -2.19 3.77
C PHE A 63 -12.97 -1.71 2.84
N THR A 64 -13.76 -0.70 3.26
CA THR A 64 -14.78 -0.11 2.39
C THR A 64 -14.51 1.37 2.25
N VAL A 65 -14.65 1.96 1.05
CA VAL A 65 -14.30 3.37 0.87
C VAL A 65 -15.41 4.22 1.43
N GLY A 66 -15.10 5.46 1.86
CA GLY A 66 -16.11 6.27 2.54
C GLY A 66 -16.36 5.76 3.94
N LYS A 67 -15.59 4.75 4.45
CA LYS A 67 -15.85 4.21 5.78
C LYS A 67 -14.54 3.89 6.45
N GLU A 68 -14.51 3.64 7.77
CA GLU A 68 -13.26 3.40 8.47
C GLU A 68 -12.93 1.93 8.44
N SER A 69 -11.65 1.57 8.70
CA SER A 69 -11.27 0.16 8.82
C SER A 69 -10.01 0.07 9.66
N ASN A 70 -9.83 -0.98 10.48
CA ASN A 70 -8.62 -1.07 11.30
C ASN A 70 -7.49 -1.47 10.39
N ILE A 71 -6.65 -0.51 9.92
CA ILE A 71 -5.55 -0.86 9.03
C ILE A 71 -4.36 -1.25 9.87
N GLN A 72 -3.48 -2.15 9.37
CA GLN A 72 -2.27 -2.51 10.10
C GLN A 72 -1.09 -2.50 9.16
N THR A 73 0.16 -2.46 9.67
CA THR A 73 1.33 -2.48 8.80
C THR A 73 2.06 -3.78 9.09
N MET A 74 1.45 -4.92 8.68
CA MET A 74 2.00 -6.23 9.00
C MET A 74 2.14 -6.32 10.50
N GLY A 75 1.03 -6.08 11.23
CA GLY A 75 1.05 -6.17 12.68
C GLY A 75 2.19 -5.41 13.31
N GLY A 76 2.65 -4.29 12.69
CA GLY A 76 3.69 -3.47 13.29
C GLY A 76 2.98 -2.27 13.85
N LYS A 77 3.29 -1.03 13.39
CA LYS A 77 2.46 0.10 13.80
C LYS A 77 1.06 -0.16 13.34
N THR A 78 0.01 0.29 14.08
CA THR A 78 -1.36 0.01 13.68
C THR A 78 -2.21 1.25 13.85
N PHE A 79 -3.26 1.44 13.03
CA PHE A 79 -4.10 2.63 13.14
C PHE A 79 -5.38 2.47 12.36
N LYS A 80 -6.38 3.35 12.59
CA LYS A 80 -7.56 3.34 11.74
C LYS A 80 -7.28 4.26 10.56
N ALA A 81 -8.01 4.12 9.44
CA ALA A 81 -7.82 5.00 8.30
C ALA A 81 -9.16 5.29 7.67
N THR A 82 -9.32 6.43 6.98
CA THR A 82 -10.55 6.65 6.20
C THR A 82 -10.11 6.45 4.77
N VAL A 83 -10.50 5.32 4.11
CA VAL A 83 -10.09 5.12 2.72
C VAL A 83 -11.14 5.79 1.88
N GLN A 84 -10.78 6.43 0.75
CA GLN A 84 -11.74 7.19 -0.04
C GLN A 84 -11.46 6.96 -1.50
N MET A 85 -12.42 7.24 -2.42
CA MET A 85 -12.16 7.08 -3.85
C MET A 85 -12.56 8.35 -4.53
N GLU A 86 -11.75 9.42 -4.39
CA GLU A 86 -12.11 10.72 -4.94
C GLU A 86 -11.47 10.85 -6.31
N GLY A 87 -12.03 11.68 -7.21
CA GLY A 87 -11.44 11.83 -8.54
C GLY A 87 -11.22 10.48 -9.16
N GLY A 88 -10.13 10.28 -9.94
CA GLY A 88 -9.80 8.95 -10.45
C GLY A 88 -8.68 8.38 -9.61
N LYS A 89 -8.82 8.40 -8.26
CA LYS A 89 -7.76 7.95 -7.38
C LYS A 89 -8.36 7.24 -6.19
N LEU A 90 -7.55 6.47 -5.44
CA LEU A 90 -8.01 5.76 -4.24
C LEU A 90 -7.38 6.51 -3.09
N VAL A 91 -7.97 7.68 -2.74
CA VAL A 91 -7.36 8.58 -1.76
C VAL A 91 -7.44 7.96 -0.38
N VAL A 92 -6.56 8.34 0.57
CA VAL A 92 -6.64 7.79 1.92
C VAL A 92 -5.90 8.67 2.90
N ASN A 93 -6.22 8.62 4.21
CA ASN A 93 -5.46 9.39 5.19
C ASN A 93 -5.28 8.59 6.45
N PHE A 94 -4.33 9.00 7.34
CA PHE A 94 -4.08 8.26 8.57
C PHE A 94 -3.76 9.27 9.66
N PRO A 95 -3.99 9.03 10.99
CA PRO A 95 -3.64 10.02 11.99
C PRO A 95 -2.14 10.05 12.17
N ASN A 96 -1.40 10.67 11.21
CA ASN A 96 0.06 10.68 11.24
C ASN A 96 0.61 11.02 9.86
N TYR A 97 0.07 10.36 8.79
CA TYR A 97 0.63 10.50 7.45
C TYR A 97 -0.47 10.45 6.41
N HIS A 98 -0.12 10.52 5.10
CA HIS A 98 -1.14 10.49 4.06
C HIS A 98 -0.68 9.70 2.85
N GLN A 99 -1.61 9.15 2.03
CA GLN A 99 -1.22 8.49 0.78
C GLN A 99 -2.31 8.68 -0.25
N THR A 100 -1.99 8.56 -1.56
CA THR A 100 -3.03 8.49 -2.58
C THR A 100 -2.63 7.34 -3.48
N SER A 101 -3.37 6.20 -3.49
CA SER A 101 -3.03 5.13 -4.43
C SER A 101 -3.70 5.44 -5.75
N GLU A 102 -3.05 5.15 -6.91
CA GLU A 102 -3.57 5.64 -8.19
C GLU A 102 -3.25 4.65 -9.29
N ILE A 103 -3.98 4.68 -10.42
CA ILE A 103 -3.64 3.84 -11.57
C ILE A 103 -3.28 4.77 -12.70
N VAL A 104 -2.13 4.58 -13.40
CA VAL A 104 -1.76 5.48 -14.50
C VAL A 104 -1.06 4.68 -15.57
N GLY A 105 -1.35 4.90 -16.88
CA GLY A 105 -0.61 4.19 -17.92
C GLY A 105 -0.47 2.71 -17.66
N ASP A 106 -1.53 2.04 -17.17
CA ASP A 106 -1.44 0.61 -16.87
C ASP A 106 -0.33 0.34 -15.87
N LYS A 107 -0.33 1.08 -14.74
CA LYS A 107 0.62 0.83 -13.66
C LYS A 107 -0.10 1.04 -12.35
N LEU A 108 0.36 0.46 -11.23
CA LEU A 108 -0.17 0.85 -9.91
C LEU A 108 0.89 1.79 -9.41
N VAL A 109 0.55 3.07 -9.15
CA VAL A 109 1.53 4.03 -8.65
C VAL A 109 0.91 4.75 -7.49
N GLU A 110 1.70 5.09 -6.44
CA GLU A 110 1.13 5.71 -5.25
C GLU A 110 2.02 6.87 -4.85
N VAL A 111 1.48 7.87 -4.11
CA VAL A 111 2.28 9.01 -3.68
C VAL A 111 1.99 9.24 -2.23
N SER A 112 2.96 9.70 -1.39
CA SER A 112 2.72 9.75 0.04
C SER A 112 3.65 10.72 0.73
N THR A 113 3.40 11.03 2.02
CA THR A 113 4.23 11.98 2.75
C THR A 113 4.16 11.68 4.22
N ILE A 114 5.23 11.91 5.01
CA ILE A 114 5.20 11.59 6.44
C ILE A 114 6.28 12.38 7.16
N GLY A 115 6.09 12.72 8.45
CA GLY A 115 7.16 13.42 9.18
C GLY A 115 7.59 14.65 8.40
N GLY A 116 8.70 14.55 7.63
CA GLY A 116 9.10 15.67 6.78
C GLY A 116 9.77 15.17 5.52
N VAL A 117 9.17 14.15 4.85
CA VAL A 117 9.76 13.61 3.62
C VAL A 117 8.65 13.21 2.67
N THR A 118 8.92 13.15 1.34
CA THR A 118 7.92 12.68 0.38
C THR A 118 8.23 11.23 0.08
N TYR A 119 7.25 10.43 -0.39
CA TYR A 119 7.51 9.02 -0.67
C TYR A 119 6.59 8.52 -1.75
N GLU A 120 6.97 7.45 -2.48
CA GLU A 120 6.15 6.99 -3.61
C GLU A 120 6.58 5.62 -4.05
N ARG A 121 5.70 4.90 -4.78
CA ARG A 121 6.05 3.57 -5.28
C ARG A 121 5.48 3.38 -6.68
N VAL A 122 5.99 2.41 -7.47
CA VAL A 122 5.48 2.20 -8.84
C VAL A 122 5.42 0.72 -9.12
N SER A 123 4.46 0.23 -9.96
CA SER A 123 4.43 -1.20 -10.30
C SER A 123 4.15 -1.41 -11.76
N LYS A 124 4.45 -2.61 -12.29
CA LYS A 124 4.00 -2.97 -13.63
C LYS A 124 2.71 -3.74 -13.42
N ARG A 125 1.60 -3.42 -14.11
CA ARG A 125 0.38 -4.21 -13.90
C ARG A 125 0.61 -5.54 -14.59
N LEU A 126 1.09 -6.58 -13.85
CA LEU A 126 1.29 -7.87 -14.50
C LEU A 126 -0.07 -8.34 -14.98
N ALA A 127 -1.09 -8.26 -14.11
CA ALA A 127 -2.43 -8.70 -14.49
C ALA A 127 -3.48 -7.99 -13.68
#